data_6J6U
#
_entry.id   6J6U
#
_cell.length_a   127.725
_cell.length_b   147.585
_cell.length_c   65.680
_cell.angle_alpha   90.00
_cell.angle_beta   90.00
_cell.angle_gamma   90.00
#
_symmetry.space_group_name_H-M   'P 21 21 2'
#
_entity_poly.entity_id   1
_entity_poly.type   'polypeptide(L)'
_entity_poly.pdbx_seq_one_letter_code
;AIPIKHFPKHVADLHASNGFTEEFETLKEFYQEVQSCTVDLGITADSSNHPDNKHKNRYVNIVAYDHSRVKLTQLAEKDG
KLTDYINANYVDGYNRPKAYIAAQGPLKSTAEDFWRMIWEHNVEVIVMITNLVEKGRRKCDQYWPTDGSEEYGSFLVNQK
NVQVLAYYTVRNFTLRNTKIKKGSQKGRSSGRLVTQYHYTQWPDMGVPEYSLPVLAFVRKTAQAKRHAVGPVVVHCSAGV
GRTGTYIVLDSMLQQIQHEGTVNIFGFLKHIRSQRNYLVQTEEQYVFIHDTLVEAILSKETEVPDSHIHSYVNTLLIPGP
SGKTKLEKQFQLLSQSNILQSDYSTALKQCNREKNRTSSIIPVERSRVGISSLSGEGTDYINASYIMGYYQSNEFIITQH
PLLHTIKDFWRMIWDHNAQLVVMIPDGQNMAEDEFVYWPNKDEPINCESFKVTLMSEEHKCLSNEEKLIVQDFILEATQD
DYVLEVRHFQCPKWPNPDSPISKTFELISIIKEEAANRDGPMIVHDEHGGVTAGTFCALTTLMHQLEKENSMDVYQVAKM
INLMRPGVFTDIEQYQFLYKVVLSLVSTRQEENPSTSLDSNGAALPDGNIAESLESLV
;
_entity_poly.pdbx_strand_id   A,B
#
# COMPACT_ATOMS: atom_id res chain seq x y z
N ALA A 1 33.03 -28.05 12.17
CA ALA A 1 32.35 -27.27 13.25
C ALA A 1 33.33 -26.30 13.87
N ILE A 2 32.88 -25.05 14.03
CA ILE A 2 33.68 -24.00 14.67
C ILE A 2 33.13 -23.76 16.07
N PRO A 3 34.00 -23.46 17.06
CA PRO A 3 33.44 -23.07 18.36
C PRO A 3 33.04 -21.60 18.36
N ILE A 4 32.05 -21.26 19.18
CA ILE A 4 31.63 -19.86 19.41
C ILE A 4 32.80 -18.87 19.66
N LYS A 5 33.88 -19.36 20.26
CA LYS A 5 35.09 -18.55 20.43
C LYS A 5 35.59 -18.05 19.07
N HIS A 6 35.68 -18.95 18.10
CA HIS A 6 36.33 -18.65 16.82
C HIS A 6 35.40 -18.34 15.66
N PHE A 7 34.09 -18.49 15.87
CA PHE A 7 33.13 -18.25 14.79
C PHE A 7 33.09 -16.77 14.33
N PRO A 8 33.09 -15.80 15.28
CA PRO A 8 33.15 -14.40 14.85
C PRO A 8 34.33 -14.09 13.90
N LYS A 9 35.56 -14.40 14.30
CA LYS A 9 36.70 -14.21 13.41
C LYS A 9 36.51 -15.00 12.12
N HIS A 10 36.20 -16.29 12.26
CA HIS A 10 35.96 -17.19 11.12
C HIS A 10 34.98 -16.62 10.09
N VAL A 11 33.97 -15.88 10.54
CA VAL A 11 33.03 -15.20 9.65
C VAL A 11 33.69 -14.05 8.90
N ALA A 12 34.35 -13.15 9.63
CA ALA A 12 35.11 -12.04 9.01
C ALA A 12 36.11 -12.53 7.96
N ASP A 13 36.66 -13.73 8.19
CA ASP A 13 37.60 -14.38 7.26
C ASP A 13 36.97 -14.79 5.94
N LEU A 14 35.69 -15.13 5.95
CA LEU A 14 34.91 -15.45 4.73
C LEU A 14 34.43 -14.22 3.96
N HIS A 15 34.22 -13.11 4.69
CA HIS A 15 33.97 -11.79 4.08
C HIS A 15 35.20 -11.24 3.36
N ALA A 16 36.37 -11.41 4.01
CA ALA A 16 37.66 -10.96 3.46
C ALA A 16 38.09 -11.77 2.25
N SER A 17 38.11 -13.09 2.40
CA SER A 17 38.51 -14.01 1.33
C SER A 17 37.44 -14.30 0.26
N ASN A 18 36.28 -13.65 0.34
CA ASN A 18 35.16 -13.92 -0.59
C ASN A 18 34.93 -15.42 -0.69
N GLY A 19 34.90 -16.06 0.48
CA GLY A 19 34.74 -17.51 0.60
C GLY A 19 33.31 -17.98 0.81
N PHE A 20 32.38 -17.03 0.99
CA PHE A 20 30.95 -17.36 1.04
C PHE A 20 30.44 -17.92 -0.28
N THR A 21 30.90 -17.34 -1.38
CA THR A 21 30.47 -17.74 -2.73
C THR A 21 30.94 -19.15 -3.11
N GLU A 22 32.21 -19.45 -2.82
CA GLU A 22 32.77 -20.82 -2.91
C GLU A 22 31.85 -21.74 -2.15
N GLU A 23 31.70 -21.42 -0.86
CA GLU A 23 30.92 -22.22 0.09
C GLU A 23 29.46 -22.40 -0.33
N PHE A 24 28.87 -21.40 -1.00
CA PHE A 24 27.48 -21.49 -1.44
C PHE A 24 27.32 -22.22 -2.78
N GLU A 25 28.21 -21.91 -3.73
CA GLU A 25 28.27 -22.64 -5.01
C GLU A 25 28.35 -24.14 -4.75
N THR A 26 29.29 -24.54 -3.89
CA THR A 26 29.50 -25.96 -3.60
C THR A 26 28.22 -26.64 -3.09
N LEU A 27 27.44 -25.92 -2.29
CA LEU A 27 26.15 -26.43 -1.81
C LEU A 27 25.11 -26.74 -2.90
N LYS A 28 25.20 -26.11 -4.07
CA LYS A 28 24.16 -26.24 -5.11
C LYS A 28 23.80 -27.65 -5.64
N GLU A 29 24.63 -28.67 -5.37
CA GLU A 29 24.38 -30.03 -5.88
C GLU A 29 24.31 -31.04 -4.74
N PHE A 30 23.26 -31.90 -4.68
CA PHE A 30 22.08 -31.94 -5.60
C PHE A 30 22.42 -31.98 -7.10
N THR A 44 13.63 -37.63 -5.79
CA THR A 44 12.50 -37.61 -6.71
C THR A 44 11.24 -37.00 -6.09
N ALA A 45 10.40 -36.40 -6.95
CA ALA A 45 9.17 -35.68 -6.55
C ALA A 45 7.90 -36.10 -7.33
N ASP A 46 7.55 -37.37 -7.26
CA ASP A 46 6.46 -37.93 -8.09
C ASP A 46 5.09 -37.38 -7.74
N SER A 47 4.80 -37.34 -6.44
CA SER A 47 3.50 -36.87 -5.92
C SER A 47 3.23 -35.42 -6.30
N SER A 48 4.22 -34.57 -6.05
CA SER A 48 4.11 -33.13 -6.34
C SER A 48 3.97 -32.77 -7.82
N ASN A 49 4.33 -33.70 -8.72
CA ASN A 49 4.16 -33.53 -10.18
C ASN A 49 2.96 -34.27 -10.78
N HIS A 50 2.07 -34.79 -9.93
CA HIS A 50 0.85 -35.43 -10.43
C HIS A 50 -0.04 -34.33 -11.06
N PRO A 51 -0.83 -34.64 -12.10
CA PRO A 51 -1.60 -33.53 -12.71
C PRO A 51 -2.69 -32.98 -11.77
N ASP A 52 -3.29 -33.88 -11.00
CA ASP A 52 -4.10 -33.54 -9.83
C ASP A 52 -3.55 -32.37 -8.99
N ASN A 53 -2.24 -32.45 -8.72
CA ASN A 53 -1.52 -31.49 -7.85
C ASN A 53 -0.83 -30.33 -8.59
N LYS A 54 -1.53 -29.76 -9.57
CA LYS A 54 -1.05 -28.57 -10.27
C LYS A 54 -1.40 -27.36 -9.43
N HIS A 55 -2.69 -27.19 -9.16
CA HIS A 55 -3.21 -25.99 -8.50
C HIS A 55 -2.95 -25.91 -6.98
N LYS A 56 -2.09 -26.81 -6.44
CA LYS A 56 -1.67 -26.77 -5.05
C LYS A 56 -0.19 -26.37 -4.87
N ASN A 57 0.46 -25.98 -5.96
CA ASN A 57 1.85 -25.52 -5.93
C ASN A 57 1.87 -24.05 -6.40
N ARG A 58 2.58 -23.21 -5.65
CA ARG A 58 2.67 -21.79 -5.97
C ARG A 58 3.47 -21.62 -7.25
N TYR A 59 4.63 -22.26 -7.28
CA TYR A 59 5.51 -22.22 -8.45
C TYR A 59 5.81 -23.65 -8.94
N VAL A 60 6.05 -23.76 -10.25
CA VAL A 60 6.20 -25.07 -10.92
C VAL A 60 7.54 -25.73 -10.58
N ASN A 61 8.61 -24.92 -10.58
CA ASN A 61 9.96 -25.35 -10.17
C ASN A 61 10.10 -25.78 -8.68
N ILE A 62 9.27 -25.21 -7.80
CA ILE A 62 9.27 -25.50 -6.34
C ILE A 62 8.46 -26.75 -6.01
N VAL A 63 9.04 -27.63 -5.18
CA VAL A 63 8.57 -29.02 -5.06
C VAL A 63 8.91 -29.71 -3.72
N ALA A 64 8.01 -30.59 -3.26
CA ALA A 64 8.15 -31.35 -2.01
C ALA A 64 8.61 -32.78 -2.27
N TYR A 65 9.87 -33.08 -1.90
CA TYR A 65 10.47 -34.39 -2.16
C TYR A 65 9.72 -35.49 -1.41
N ASP A 66 9.59 -36.66 -2.04
CA ASP A 66 8.74 -37.75 -1.54
C ASP A 66 9.13 -38.38 -0.22
N HIS A 67 10.43 -38.51 0.05
CA HIS A 67 10.86 -39.09 1.33
C HIS A 67 10.52 -38.20 2.52
N SER A 68 10.57 -36.89 2.30
CA SER A 68 10.34 -35.88 3.33
C SER A 68 8.93 -35.29 3.32
N ARG A 69 8.25 -35.30 2.17
CA ARG A 69 6.91 -34.68 2.05
C ARG A 69 5.96 -35.13 3.14
N VAL A 70 5.06 -34.21 3.47
CA VAL A 70 4.01 -34.45 4.43
C VAL A 70 2.84 -35.05 3.67
N LYS A 71 2.25 -36.07 4.28
CA LYS A 71 1.16 -36.81 3.70
C LYS A 71 0.01 -36.49 4.64
N LEU A 72 -1.15 -36.21 4.06
CA LEU A 72 -2.37 -36.08 4.82
C LEU A 72 -3.13 -37.35 4.48
N THR A 73 -4.16 -37.68 5.24
CA THR A 73 -4.98 -38.86 4.93
C THR A 73 -5.67 -38.70 3.56
N GLN A 74 -6.30 -39.77 3.10
CA GLN A 74 -7.05 -39.79 1.84
C GLN A 74 -8.54 -39.72 2.17
N LEU A 75 -9.30 -38.95 1.38
CA LEU A 75 -10.78 -38.84 1.56
C LEU A 75 -11.56 -38.62 0.25
N ALA A 76 -12.89 -38.66 0.33
CA ALA A 76 -13.76 -38.50 -0.85
C ALA A 76 -15.24 -38.38 -0.44
N GLY A 80 -13.49 -39.56 -9.96
CA GLY A 80 -12.76 -39.35 -8.71
C GLY A 80 -11.43 -38.66 -8.93
N LYS A 81 -10.68 -38.45 -7.84
CA LYS A 81 -9.33 -37.81 -7.82
C LYS A 81 -8.47 -38.18 -6.54
N LEU A 82 -7.41 -37.41 -6.25
CA LEU A 82 -6.51 -37.65 -5.09
C LEU A 82 -6.59 -36.49 -4.08
N THR A 83 -6.35 -36.78 -2.80
CA THR A 83 -6.57 -35.84 -1.70
C THR A 83 -5.52 -35.79 -0.61
N ASP A 84 -4.32 -36.33 -0.85
CA ASP A 84 -3.32 -36.51 0.22
C ASP A 84 -2.05 -35.65 0.08
N TYR A 85 -2.08 -34.68 -0.83
CA TYR A 85 -0.89 -33.89 -1.18
C TYR A 85 -0.88 -32.44 -0.66
N ILE A 86 0.23 -32.04 -0.05
CA ILE A 86 0.51 -30.61 0.24
C ILE A 86 1.98 -30.31 0.14
N ASN A 87 2.30 -29.14 -0.41
CA ASN A 87 3.68 -28.72 -0.70
C ASN A 87 4.34 -28.36 0.64
N ALA A 88 4.82 -29.38 1.35
CA ALA A 88 5.48 -29.23 2.66
C ALA A 88 6.35 -30.44 2.97
N ASN A 89 7.46 -30.21 3.67
CA ASN A 89 8.39 -31.28 4.06
C ASN A 89 8.66 -31.25 5.56
N TYR A 90 9.00 -32.41 6.12
CA TYR A 90 9.55 -32.49 7.46
C TYR A 90 11.05 -32.27 7.31
N VAL A 91 11.61 -31.43 8.17
CA VAL A 91 13.01 -31.09 8.10
C VAL A 91 13.60 -31.11 9.52
N ASP A 92 14.81 -31.66 9.64
CA ASP A 92 15.41 -31.99 10.93
C ASP A 92 16.10 -30.79 11.52
N GLY A 93 15.80 -30.53 12.78
CA GLY A 93 16.57 -29.59 13.56
C GLY A 93 17.88 -30.19 14.02
N TYR A 94 18.56 -29.45 14.88
CA TYR A 94 19.84 -29.84 15.49
C TYR A 94 19.61 -30.98 16.50
N ASN A 95 20.27 -32.12 16.22
CA ASN A 95 19.97 -33.48 16.76
C ASN A 95 18.51 -33.73 17.20
N ARG A 96 17.57 -33.16 16.43
CA ARG A 96 16.13 -33.26 16.69
C ARG A 96 15.53 -33.54 15.30
N PRO A 97 15.22 -34.82 14.99
CA PRO A 97 14.68 -35.20 13.68
C PRO A 97 13.22 -34.89 13.46
N LYS A 98 12.84 -34.58 12.22
CA LYS A 98 11.44 -34.31 11.84
C LYS A 98 10.80 -33.24 12.74
N ALA A 99 11.57 -32.16 12.97
CA ALA A 99 11.21 -31.14 13.96
C ALA A 99 10.27 -30.07 13.37
N TYR A 100 10.73 -29.49 12.28
CA TYR A 100 10.01 -28.44 11.61
C TYR A 100 9.11 -29.09 10.55
N ILE A 101 8.16 -28.34 10.03
CA ILE A 101 7.49 -28.69 8.78
C ILE A 101 7.65 -27.51 7.85
N ALA A 102 8.68 -27.58 7.00
CA ALA A 102 9.00 -26.52 6.05
C ALA A 102 8.00 -26.58 4.89
N ALA A 103 7.16 -25.55 4.79
CA ALA A 103 5.99 -25.53 3.90
C ALA A 103 5.86 -24.20 3.16
N GLN A 104 5.25 -24.26 1.97
CA GLN A 104 4.98 -23.07 1.17
C GLN A 104 3.84 -22.26 1.78
N GLY A 105 3.69 -21.02 1.31
CA GLY A 105 2.61 -20.14 1.74
C GLY A 105 1.27 -20.55 1.13
N PRO A 106 0.22 -20.81 1.97
CA PRO A 106 -1.04 -21.35 1.47
C PRO A 106 -1.75 -20.43 0.49
N LEU A 107 -2.35 -21.05 -0.53
CA LEU A 107 -3.17 -20.36 -1.54
C LEU A 107 -4.61 -20.52 -1.06
N LYS A 108 -5.57 -19.84 -1.69
CA LYS A 108 -6.99 -20.07 -1.33
C LYS A 108 -7.42 -21.52 -1.60
N SER A 109 -6.86 -22.14 -2.65
CA SER A 109 -7.14 -23.55 -2.98
C SER A 109 -6.65 -24.52 -1.90
N THR A 110 -5.52 -24.20 -1.26
CA THR A 110 -4.90 -25.09 -0.28
C THR A 110 -5.03 -24.64 1.17
N ALA A 111 -5.95 -23.72 1.45
CA ALA A 111 -6.08 -23.15 2.80
C ALA A 111 -6.56 -24.22 3.78
N GLU A 112 -7.61 -24.94 3.36
CA GLU A 112 -8.18 -26.04 4.14
C GLU A 112 -7.12 -27.09 4.46
N ASP A 113 -6.49 -27.62 3.41
CA ASP A 113 -5.45 -28.67 3.49
C ASP A 113 -4.40 -28.27 4.50
N PHE A 114 -3.98 -27.01 4.44
CA PHE A 114 -3.06 -26.41 5.41
C PHE A 114 -3.60 -26.48 6.85
N TRP A 115 -4.88 -26.23 7.07
CA TRP A 115 -5.47 -26.39 8.41
C TRP A 115 -5.61 -27.85 8.81
N ARG A 116 -5.87 -28.72 7.83
CA ARG A 116 -5.90 -30.16 8.09
C ARG A 116 -4.53 -30.66 8.47
N MET A 117 -3.52 -30.25 7.72
CA MET A 117 -2.13 -30.51 8.07
C MET A 117 -1.92 -30.23 9.57
N ILE A 118 -2.30 -29.03 10.00
CA ILE A 118 -2.18 -28.59 11.40
C ILE A 118 -2.87 -29.58 12.34
N TRP A 119 -4.12 -29.94 12.00
CA TRP A 119 -4.91 -30.86 12.83
C TRP A 119 -4.36 -32.28 12.83
N GLU A 120 -3.96 -32.76 11.64
CA GLU A 120 -3.46 -34.13 11.47
C GLU A 120 -2.04 -34.36 12.03
N HIS A 121 -1.20 -33.31 12.07
CA HIS A 121 0.17 -33.42 12.60
C HIS A 121 0.39 -32.83 13.98
N ASN A 122 -0.70 -32.48 14.66
CA ASN A 122 -0.65 -32.01 16.05
C ASN A 122 0.15 -30.69 16.22
N VAL A 123 0.06 -29.80 15.23
CA VAL A 123 0.88 -28.59 15.20
C VAL A 123 0.19 -27.53 16.09
N GLU A 124 1.02 -26.88 16.91
CA GLU A 124 0.59 -25.76 17.75
C GLU A 124 1.25 -24.44 17.35
N VAL A 125 2.41 -24.50 16.71
CA VAL A 125 3.20 -23.31 16.38
C VAL A 125 3.33 -23.13 14.88
N ILE A 126 3.10 -21.91 14.41
CA ILE A 126 3.31 -21.57 13.01
C ILE A 126 4.15 -20.32 12.93
N VAL A 127 5.16 -20.39 12.07
CA VAL A 127 6.16 -19.35 11.93
C VAL A 127 6.04 -18.85 10.51
N MET A 128 5.63 -17.60 10.39
CA MET A 128 5.34 -16.99 9.12
C MET A 128 6.37 -15.90 8.92
N ILE A 129 7.22 -16.10 7.93
CA ILE A 129 8.21 -15.12 7.55
C ILE A 129 7.82 -14.61 6.14
N THR A 130 6.69 -13.91 6.06
CA THR A 130 6.28 -13.15 4.86
C THR A 130 4.96 -12.39 5.10
N ASN A 131 4.74 -11.37 4.28
CA ASN A 131 3.47 -10.64 4.27
C ASN A 131 2.59 -11.25 3.21
N LEU A 132 1.29 -10.97 3.28
CA LEU A 132 0.33 -11.45 2.30
C LEU A 132 0.56 -10.77 0.94
N VAL A 133 0.94 -9.50 0.96
CA VAL A 133 1.24 -8.71 -0.24
C VAL A 133 2.52 -7.90 0.00
N GLU A 134 3.35 -7.84 -1.05
CA GLU A 134 4.65 -7.23 -0.99
C GLU A 134 4.96 -6.54 -2.31
N LYS A 135 4.88 -5.21 -2.29
CA LYS A 135 5.05 -4.37 -3.48
C LYS A 135 4.13 -4.87 -4.56
N GLY A 136 2.86 -5.00 -4.19
CA GLY A 136 1.81 -5.37 -5.11
C GLY A 136 1.75 -6.82 -5.57
N ARG A 137 2.52 -7.73 -4.97
CA ARG A 137 2.45 -9.13 -5.35
C ARG A 137 1.77 -9.95 -4.30
N ARG A 138 0.91 -10.86 -4.73
CA ARG A 138 0.37 -11.87 -3.85
C ARG A 138 1.51 -12.86 -3.58
N LYS A 139 1.99 -12.84 -2.34
CA LYS A 139 3.00 -13.78 -1.83
C LYS A 139 2.40 -14.93 -1.00
N CYS A 140 1.28 -14.66 -0.34
CA CYS A 140 0.63 -15.64 0.52
C CYS A 140 -0.83 -15.23 0.73
N ASP A 141 -1.75 -16.20 0.68
CA ASP A 141 -3.19 -15.94 0.91
C ASP A 141 -3.52 -16.01 2.38
N GLN A 142 -4.38 -15.10 2.85
CA GLN A 142 -4.69 -14.99 4.26
C GLN A 142 -5.51 -16.20 4.71
N TYR A 143 -4.88 -17.11 5.42
CA TYR A 143 -5.50 -18.39 5.78
C TYR A 143 -6.17 -18.38 7.17
N TRP A 144 -6.50 -17.20 7.69
CA TRP A 144 -7.05 -17.09 9.03
C TRP A 144 -7.98 -15.89 9.11
N PRO A 145 -8.76 -15.77 10.20
CA PRO A 145 -9.69 -14.66 10.30
C PRO A 145 -9.11 -13.42 11.02
N THR A 146 -9.32 -12.25 10.42
CA THR A 146 -9.22 -10.96 11.14
C THR A 146 -10.45 -10.80 12.06
N ASP A 147 -11.62 -11.20 11.55
CA ASP A 147 -12.89 -11.26 12.26
C ASP A 147 -12.88 -12.44 13.27
N GLY A 148 -13.78 -12.42 14.24
CA GLY A 148 -13.99 -13.57 15.14
C GLY A 148 -13.62 -14.96 14.61
N SER A 149 -14.43 -15.51 13.70
CA SER A 149 -14.17 -16.84 13.13
C SER A 149 -14.28 -16.91 11.60
N GLU A 150 -13.60 -17.91 11.02
CA GLU A 150 -13.69 -18.31 9.59
C GLU A 150 -13.53 -19.82 9.49
N GLU A 151 -14.13 -20.41 8.46
CA GLU A 151 -14.27 -21.87 8.34
C GLU A 151 -13.60 -22.36 7.04
N TYR A 152 -12.60 -23.23 7.17
CA TYR A 152 -11.80 -23.69 6.01
C TYR A 152 -12.05 -25.17 5.89
N GLY A 153 -13.01 -25.53 5.03
CA GLY A 153 -13.52 -26.91 4.90
C GLY A 153 -14.11 -27.45 6.19
N SER A 154 -13.64 -28.61 6.63
CA SER A 154 -14.00 -29.20 7.92
C SER A 154 -13.49 -28.42 9.15
N PHE A 155 -12.60 -27.44 8.93
CA PHE A 155 -11.81 -26.83 10.02
C PHE A 155 -12.26 -25.41 10.34
N LEU A 156 -12.49 -25.19 11.62
CA LEU A 156 -13.03 -23.94 12.11
C LEU A 156 -11.95 -23.22 12.91
N VAL A 157 -11.52 -22.08 12.39
CA VAL A 157 -10.49 -21.27 13.02
C VAL A 157 -11.18 -20.06 13.68
N ASN A 158 -11.10 -19.98 15.01
CA ASN A 158 -11.68 -18.87 15.75
C ASN A 158 -10.53 -18.19 16.48
N GLN A 159 -10.24 -16.97 16.08
CA GLN A 159 -9.13 -16.20 16.62
C GLN A 159 -9.44 -15.59 18.01
N LYS A 160 -8.59 -15.92 18.99
CA LYS A 160 -8.72 -15.41 20.36
C LYS A 160 -8.05 -14.04 20.55
N ASN A 161 -6.71 -14.02 20.48
CA ASN A 161 -5.90 -12.86 20.85
C ASN A 161 -5.00 -12.44 19.69
N VAL A 162 -4.62 -11.16 19.66
CA VAL A 162 -3.61 -10.61 18.72
C VAL A 162 -2.72 -9.58 19.41
N GLN A 163 -1.43 -9.70 19.12
CA GLN A 163 -0.38 -8.77 19.55
C GLN A 163 0.38 -8.35 18.31
N VAL A 164 0.47 -7.04 18.08
CA VAL A 164 1.18 -6.49 16.93
C VAL A 164 2.38 -5.66 17.40
N LEU A 165 3.58 -6.13 17.07
CA LEU A 165 4.82 -5.51 17.52
C LEU A 165 5.67 -5.09 16.33
N ALA A 166 6.68 -4.27 16.60
CA ALA A 166 7.47 -3.61 15.55
C ALA A 166 7.76 -4.50 14.34
N TYR A 167 8.39 -5.65 14.63
CA TYR A 167 8.89 -6.59 13.60
C TYR A 167 8.18 -7.94 13.52
N TYR A 168 7.32 -8.26 14.50
CA TYR A 168 6.47 -9.43 14.41
C TYR A 168 5.08 -9.21 15.02
N THR A 169 4.23 -10.23 14.89
CA THR A 169 2.83 -10.14 15.32
C THR A 169 2.37 -11.52 15.74
N VAL A 170 1.98 -11.64 17.01
CA VAL A 170 1.56 -12.94 17.56
C VAL A 170 0.05 -13.01 17.52
N ARG A 171 -0.48 -14.14 17.06
CA ARG A 171 -1.92 -14.37 16.97
C ARG A 171 -2.25 -15.69 17.60
N ASN A 172 -3.25 -15.69 18.49
CA ASN A 172 -3.64 -16.90 19.17
C ASN A 172 -4.97 -17.36 18.63
N PHE A 173 -4.93 -18.52 18.01
CA PHE A 173 -6.11 -19.12 17.43
C PHE A 173 -6.49 -20.36 18.21
N THR A 174 -7.68 -20.86 17.90
CA THR A 174 -8.17 -22.16 18.36
C THR A 174 -8.69 -22.89 17.13
N LEU A 175 -8.65 -24.22 17.20
CA LEU A 175 -8.97 -25.09 16.07
C LEU A 175 -9.98 -26.20 16.47
N ARG A 176 -10.99 -26.43 15.63
CA ARG A 176 -11.91 -27.56 15.81
C ARG A 176 -12.03 -28.31 14.49
N ASN A 177 -12.12 -29.63 14.59
CA ASN A 177 -12.55 -30.50 13.48
C ASN A 177 -14.07 -30.49 13.56
N THR A 178 -14.73 -29.81 12.62
CA THR A 178 -16.17 -29.50 12.76
C THR A 178 -16.99 -30.80 12.84
N LYS A 179 -16.42 -31.88 12.30
CA LYS A 179 -16.91 -33.23 12.56
C LYS A 179 -16.55 -33.71 13.97
N ILE A 180 -17.09 -33.07 15.00
CA ILE A 180 -17.19 -33.63 16.38
C ILE A 180 -18.47 -33.13 17.08
N GLY A 191 -11.86 -27.51 21.98
CA GLY A 191 -10.92 -26.81 21.11
C GLY A 191 -9.49 -27.26 21.32
N ARG A 192 -8.63 -26.86 20.38
CA ARG A 192 -7.15 -26.91 20.52
C ARG A 192 -6.59 -25.53 20.21
N LEU A 193 -5.60 -25.10 20.99
CA LEU A 193 -4.97 -23.78 20.82
C LEU A 193 -3.77 -23.86 19.87
N VAL A 194 -3.67 -22.87 18.98
CA VAL A 194 -2.59 -22.74 18.00
C VAL A 194 -2.12 -21.29 17.95
N THR A 195 -0.81 -21.10 17.90
CA THR A 195 -0.24 -19.77 17.97
C THR A 195 0.66 -19.50 16.76
N GLN A 196 0.41 -18.36 16.11
CA GLN A 196 1.03 -17.96 14.85
C GLN A 196 1.99 -16.85 15.18
N TYR A 197 3.16 -16.87 14.54
CA TYR A 197 4.25 -15.94 14.81
C TYR A 197 4.70 -15.30 13.51
N HIS A 198 4.25 -14.08 13.31
CA HIS A 198 4.30 -13.42 12.02
C HIS A 198 5.46 -12.45 11.89
N TYR A 199 6.60 -12.88 11.32
CA TYR A 199 7.69 -11.94 11.14
C TYR A 199 7.30 -11.05 9.99
N THR A 200 6.95 -9.81 10.31
CA THR A 200 6.27 -8.93 9.38
C THR A 200 7.19 -8.06 8.53
N GLN A 201 8.28 -7.54 9.12
CA GLN A 201 9.09 -6.51 8.46
C GLN A 201 10.22 -7.02 7.55
N TRP A 202 10.19 -8.29 7.15
CA TRP A 202 11.20 -8.85 6.23
C TRP A 202 11.12 -8.16 4.86
N PRO A 203 12.25 -7.64 4.35
CA PRO A 203 12.24 -6.76 3.17
C PRO A 203 11.94 -7.51 1.88
N ASP A 204 11.41 -6.79 0.89
CA ASP A 204 10.70 -7.40 -0.25
C ASP A 204 11.58 -8.18 -1.24
N MET A 205 12.84 -7.78 -1.36
CA MET A 205 13.89 -8.62 -1.92
C MET A 205 15.12 -8.45 -1.02
N GLY A 206 15.97 -9.47 -0.98
CA GLY A 206 17.20 -9.42 -0.20
C GLY A 206 16.96 -9.79 1.26
N VAL A 207 17.93 -9.47 2.10
CA VAL A 207 17.89 -9.80 3.52
C VAL A 207 17.70 -8.55 4.38
N PRO A 208 17.14 -8.71 5.60
CA PRO A 208 17.01 -7.59 6.54
C PRO A 208 18.33 -6.90 6.73
N GLU A 209 18.35 -5.58 6.56
CA GLU A 209 19.56 -4.81 6.75
C GLU A 209 20.13 -5.00 8.18
N TYR A 210 19.26 -5.20 9.16
CA TYR A 210 19.66 -5.54 10.54
C TYR A 210 19.35 -7.01 10.89
N SER A 211 20.33 -7.68 11.48
CA SER A 211 20.16 -9.06 11.94
C SER A 211 19.62 -9.10 13.37
N LEU A 212 19.71 -7.99 14.07
CA LEU A 212 19.40 -7.97 15.50
C LEU A 212 17.93 -8.24 15.83
N PRO A 213 16.96 -7.70 15.05
CA PRO A 213 15.53 -8.00 15.28
C PRO A 213 15.05 -9.40 14.87
N VAL A 214 15.57 -9.91 13.74
CA VAL A 214 15.28 -11.31 13.31
C VAL A 214 15.68 -12.24 14.43
N LEU A 215 16.93 -12.07 14.90
CA LEU A 215 17.49 -12.77 16.07
C LEU A 215 16.44 -12.91 17.17
N ALA A 216 15.97 -11.75 17.65
CA ALA A 216 15.09 -11.67 18.81
C ALA A 216 13.79 -12.36 18.56
N PHE A 217 13.30 -12.24 17.32
CA PHE A 217 12.11 -12.95 16.89
C PHE A 217 12.30 -14.45 17.12
N VAL A 218 13.39 -15.01 16.59
CA VAL A 218 13.66 -16.44 16.68
C VAL A 218 13.80 -16.87 18.13
N ARG A 219 14.56 -16.10 18.90
CA ARG A 219 14.64 -16.29 20.36
C ARG A 219 13.27 -16.25 21.04
N LYS A 220 12.41 -15.30 20.63
CA LYS A 220 11.04 -15.23 21.14
C LYS A 220 10.19 -16.43 20.74
N THR A 221 10.29 -16.87 19.50
CA THR A 221 9.56 -18.06 19.07
C THR A 221 10.15 -19.29 19.72
N ALA A 222 11.49 -19.40 19.72
CA ALA A 222 12.21 -20.55 20.27
C ALA A 222 11.89 -20.86 21.73
N GLN A 223 11.62 -19.81 22.49
CA GLN A 223 11.25 -19.94 23.90
C GLN A 223 9.82 -20.48 24.07
N ALA A 224 8.86 -19.87 23.39
CA ALA A 224 7.48 -20.35 23.40
C ALA A 224 7.37 -21.75 22.80
N LYS A 225 8.06 -22.00 21.68
CA LYS A 225 8.08 -23.32 21.01
C LYS A 225 8.68 -24.44 21.84
N ARG A 226 9.55 -24.10 22.80
CA ARG A 226 10.09 -25.07 23.77
C ARG A 226 8.98 -25.79 24.65
N HIS A 227 7.72 -25.33 24.61
CA HIS A 227 6.57 -25.94 25.26
C HIS A 227 5.53 -26.63 24.31
N ALA A 228 5.85 -26.77 23.02
CA ALA A 228 4.91 -27.34 22.03
C ALA A 228 5.32 -28.77 21.76
N VAL A 229 4.33 -29.65 21.59
CA VAL A 229 4.59 -31.10 21.58
C VAL A 229 4.83 -31.65 20.18
N GLY A 230 4.03 -31.20 19.24
CA GLY A 230 4.20 -31.60 17.85
C GLY A 230 5.34 -30.89 17.17
N PRO A 231 5.32 -30.87 15.83
CA PRO A 231 6.32 -30.13 15.06
C PRO A 231 5.90 -28.69 14.87
N VAL A 232 6.86 -27.84 14.49
CA VAL A 232 6.61 -26.42 14.20
C VAL A 232 6.51 -26.20 12.70
N VAL A 233 5.40 -25.62 12.22
CA VAL A 233 5.24 -25.34 10.80
C VAL A 233 5.87 -23.99 10.53
N VAL A 234 6.63 -23.92 9.43
CA VAL A 234 7.31 -22.71 9.06
C VAL A 234 7.02 -22.43 7.59
N HIS A 235 6.71 -21.18 7.24
CA HIS A 235 6.43 -20.84 5.85
C HIS A 235 6.81 -19.43 5.47
N CYS A 236 7.05 -19.25 4.17
CA CYS A 236 7.23 -17.96 3.53
C CYS A 236 6.28 -17.95 2.32
N SER A 237 6.69 -17.49 1.14
CA SER A 237 5.85 -17.60 -0.08
C SER A 237 6.09 -18.94 -0.71
N ALA A 238 7.34 -19.17 -1.11
CA ALA A 238 7.70 -20.39 -1.82
C ALA A 238 7.91 -21.53 -0.85
N GLY A 239 8.46 -21.24 0.33
CA GLY A 239 8.76 -22.25 1.34
C GLY A 239 10.21 -22.76 1.30
N VAL A 240 11.14 -21.89 0.91
CA VAL A 240 12.52 -22.32 0.67
C VAL A 240 13.58 -21.41 1.30
N GLY A 241 13.73 -20.18 0.81
CA GLY A 241 14.78 -19.30 1.31
C GLY A 241 14.47 -18.88 2.72
N ARG A 242 13.46 -18.00 2.84
CA ARG A 242 13.09 -17.40 4.13
C ARG A 242 12.89 -18.46 5.22
N THR A 243 12.03 -19.44 4.87
CA THR A 243 11.68 -20.56 5.75
C THR A 243 12.94 -21.29 6.21
N GLY A 244 13.74 -21.77 5.23
CA GLY A 244 15.07 -22.37 5.45
C GLY A 244 15.99 -21.55 6.34
N THR A 245 16.06 -20.24 6.08
CA THR A 245 16.88 -19.30 6.90
C THR A 245 16.48 -19.23 8.39
N TYR A 246 15.19 -19.39 8.69
CA TYR A 246 14.77 -19.52 10.09
C TYR A 246 15.30 -20.83 10.70
N ILE A 247 15.04 -21.94 9.99
CA ILE A 247 15.41 -23.29 10.45
C ILE A 247 16.90 -23.44 10.74
N VAL A 248 17.74 -22.78 9.95
CA VAL A 248 19.16 -22.76 10.24
C VAL A 248 19.41 -21.89 11.49
N LEU A 249 18.87 -20.68 11.48
CA LEU A 249 19.04 -19.71 12.60
C LEU A 249 18.51 -20.16 13.96
N ASP A 250 17.42 -20.94 13.97
CA ASP A 250 16.86 -21.47 15.20
C ASP A 250 17.71 -22.58 15.75
N SER A 251 18.04 -23.53 14.87
CA SER A 251 18.76 -24.77 15.22
C SER A 251 20.21 -24.53 15.64
N MET A 252 20.92 -23.68 14.87
CA MET A 252 22.26 -23.30 15.27
C MET A 252 22.26 -22.61 16.63
N LEU A 253 21.31 -21.69 16.85
CA LEU A 253 21.07 -21.06 18.18
C LEU A 253 21.10 -22.10 19.31
N GLN A 254 20.35 -23.20 19.11
CA GLN A 254 20.29 -24.32 20.05
C GLN A 254 21.63 -25.04 20.16
N GLN A 255 22.32 -25.21 19.04
CA GLN A 255 23.66 -25.75 19.09
C GLN A 255 24.55 -24.89 20.00
N ILE A 256 24.57 -23.59 19.75
CA ILE A 256 25.37 -22.67 20.58
C ILE A 256 25.05 -22.80 22.07
N GLN A 257 23.77 -22.94 22.43
CA GLN A 257 23.40 -23.01 23.85
C GLN A 257 23.88 -24.32 24.50
N HIS A 258 23.63 -25.45 23.84
CA HIS A 258 23.90 -26.76 24.42
C HIS A 258 25.33 -27.23 24.19
N GLU A 259 25.80 -27.06 22.96
CA GLU A 259 27.11 -27.58 22.53
C GLU A 259 28.24 -26.57 22.49
N GLY A 260 27.92 -25.30 22.31
CA GLY A 260 28.94 -24.25 22.23
C GLY A 260 29.65 -24.25 20.91
N THR A 261 29.01 -24.80 19.89
CA THR A 261 29.57 -24.90 18.56
C THR A 261 28.50 -24.45 17.57
N VAL A 262 28.88 -24.38 16.29
CA VAL A 262 28.00 -23.88 15.23
C VAL A 262 28.51 -24.39 13.88
N ASN A 263 27.67 -25.15 13.18
CA ASN A 263 27.99 -25.70 11.87
C ASN A 263 26.82 -25.46 10.89
N ILE A 264 26.87 -24.32 10.21
CA ILE A 264 25.83 -23.92 9.27
C ILE A 264 25.94 -24.76 8.02
N PHE A 265 27.11 -24.70 7.40
CA PHE A 265 27.44 -25.43 6.17
C PHE A 265 27.14 -26.91 6.30
N GLY A 266 27.60 -27.50 7.41
CA GLY A 266 27.28 -28.88 7.74
C GLY A 266 25.79 -29.06 7.77
N PHE A 267 25.16 -28.43 8.76
CA PHE A 267 23.72 -28.54 9.03
C PHE A 267 22.89 -28.27 7.80
N LEU A 268 23.27 -27.24 7.03
CA LEU A 268 22.52 -26.84 5.84
C LEU A 268 22.54 -27.92 4.76
N LYS A 269 23.73 -28.43 4.44
CA LYS A 269 23.88 -29.49 3.44
C LYS A 269 22.96 -30.67 3.71
N HIS A 270 22.73 -30.96 4.99
CA HIS A 270 21.84 -32.04 5.40
C HIS A 270 20.40 -31.76 5.04
N ILE A 271 19.85 -30.68 5.55
CA ILE A 271 18.42 -30.36 5.34
C ILE A 271 18.05 -30.13 3.87
N ARG A 272 19.00 -29.61 3.07
CA ARG A 272 18.86 -29.54 1.61
C ARG A 272 18.53 -30.89 0.95
N SER A 273 18.79 -32.00 1.65
CA SER A 273 18.26 -33.32 1.30
C SER A 273 16.74 -33.46 1.57
N GLN A 274 16.28 -32.95 2.70
CA GLN A 274 14.84 -33.01 3.02
C GLN A 274 13.96 -32.05 2.23
N ARG A 275 14.49 -30.87 1.88
CA ARG A 275 13.76 -29.95 0.99
C ARG A 275 14.69 -29.09 0.13
N ASN A 276 14.34 -29.02 -1.15
CA ASN A 276 15.02 -28.17 -2.13
C ASN A 276 15.22 -26.68 -1.77
N TYR A 277 16.32 -26.10 -2.25
CA TYR A 277 16.60 -24.66 -2.19
C TYR A 277 16.45 -23.96 -0.81
N LEU A 278 16.45 -24.72 0.29
CA LEU A 278 16.49 -24.14 1.62
C LEU A 278 17.70 -23.23 1.77
N VAL A 279 17.46 -21.99 2.18
CA VAL A 279 18.43 -20.89 2.09
C VAL A 279 18.78 -20.72 0.62
N GLN A 280 17.97 -19.95 -0.09
CA GLN A 280 17.96 -19.96 -1.55
C GLN A 280 19.08 -19.09 -2.14
N THR A 281 19.31 -17.92 -1.54
CA THR A 281 20.31 -17.01 -2.08
C THR A 281 21.59 -17.12 -1.29
N GLU A 282 22.63 -16.53 -1.88
CA GLU A 282 23.91 -16.35 -1.22
C GLU A 282 23.79 -15.35 -0.07
N GLU A 283 23.13 -14.22 -0.33
CA GLU A 283 22.78 -13.18 0.68
C GLU A 283 22.17 -13.72 1.98
N GLN A 284 21.29 -14.70 1.86
CA GLN A 284 20.71 -15.38 3.03
C GLN A 284 21.77 -16.17 3.82
N TYR A 285 22.58 -16.95 3.09
CA TYR A 285 23.70 -17.74 3.66
C TYR A 285 24.64 -16.86 4.47
N VAL A 286 25.08 -15.77 3.85
CA VAL A 286 25.92 -14.73 4.48
C VAL A 286 25.21 -14.12 5.70
N PHE A 287 23.94 -13.76 5.51
CA PHE A 287 23.14 -13.14 6.57
C PHE A 287 22.99 -14.00 7.83
N ILE A 288 22.79 -15.31 7.66
CA ILE A 288 22.77 -16.27 8.78
C ILE A 288 24.05 -16.15 9.61
N HIS A 289 25.17 -16.06 8.93
CA HIS A 289 26.45 -15.96 9.61
C HIS A 289 26.52 -14.74 10.46
N ASP A 290 26.33 -13.60 9.82
CA ASP A 290 26.45 -12.33 10.53
C ASP A 290 25.49 -12.30 11.72
N THR A 291 24.25 -12.73 11.48
CA THR A 291 23.26 -12.78 12.54
C THR A 291 23.76 -13.58 13.76
N LEU A 292 24.23 -14.80 13.49
CA LEU A 292 24.74 -15.71 14.53
C LEU A 292 25.99 -15.16 15.21
N VAL A 293 26.87 -14.53 14.44
CA VAL A 293 28.00 -13.79 15.03
C VAL A 293 27.50 -12.81 16.12
N GLU A 294 26.55 -11.97 15.75
CA GLU A 294 25.92 -11.01 16.67
C GLU A 294 25.34 -11.71 17.92
N ALA A 295 24.71 -12.87 17.72
CA ALA A 295 24.14 -13.64 18.83
C ALA A 295 25.19 -14.16 19.79
N ILE A 296 26.30 -14.63 19.26
CA ILE A 296 27.40 -15.15 20.06
C ILE A 296 27.96 -14.04 20.95
N LEU A 297 28.27 -12.88 20.36
CA LEU A 297 28.86 -11.74 21.07
C LEU A 297 27.87 -11.01 22.02
N SER A 298 26.58 -11.07 21.69
CA SER A 298 25.52 -10.47 22.52
C SER A 298 25.13 -11.35 23.71
N LYS A 299 25.18 -12.68 23.56
CA LYS A 299 24.49 -13.60 24.49
C LYS A 299 23.00 -13.16 24.56
N GLU A 300 22.19 -13.79 25.38
CA GLU A 300 20.84 -13.28 25.67
C GLU A 300 20.99 -12.05 26.56
N THR A 301 20.47 -10.91 26.09
CA THR A 301 20.56 -9.62 26.77
C THR A 301 19.19 -9.07 27.16
N GLU A 302 18.16 -9.90 27.01
CA GLU A 302 16.85 -9.57 27.57
C GLU A 302 16.81 -10.06 28.99
N VAL A 303 16.57 -9.13 29.93
CA VAL A 303 16.53 -9.42 31.37
C VAL A 303 15.09 -9.40 31.89
N PRO A 304 14.65 -10.44 32.64
CA PRO A 304 13.34 -10.40 33.32
C PRO A 304 13.26 -9.39 34.48
N ASP A 305 12.08 -9.27 35.11
CA ASP A 305 11.91 -8.45 36.32
C ASP A 305 12.82 -8.87 37.46
N SER A 306 12.78 -10.18 37.71
CA SER A 306 13.53 -10.78 38.81
C SER A 306 15.03 -10.46 38.77
N HIS A 307 15.63 -10.41 37.58
CA HIS A 307 17.08 -10.37 37.47
C HIS A 307 17.68 -9.04 37.03
N ILE A 308 16.96 -7.92 37.11
CA ILE A 308 17.54 -6.61 36.65
C ILE A 308 18.72 -6.26 37.51
N HIS A 309 18.56 -6.52 38.81
CA HIS A 309 19.50 -6.11 39.81
C HIS A 309 20.76 -6.94 39.68
N SER A 310 20.59 -8.27 39.71
CA SER A 310 21.71 -9.19 39.47
C SER A 310 22.44 -8.92 38.14
N TYR A 311 21.72 -8.57 37.08
CA TYR A 311 22.35 -8.27 35.79
C TYR A 311 23.07 -6.94 35.80
N VAL A 312 22.44 -5.90 36.36
CA VAL A 312 23.00 -4.53 36.23
C VAL A 312 24.38 -4.40 36.94
N ASN A 313 24.57 -5.14 38.02
CA ASN A 313 25.89 -5.24 38.66
C ASN A 313 26.88 -5.94 37.74
N THR A 314 26.53 -7.17 37.33
CA THR A 314 27.44 -8.01 36.56
C THR A 314 28.12 -7.28 35.41
N LEU A 315 27.51 -6.20 34.89
CA LEU A 315 28.17 -5.51 33.78
C LEU A 315 29.42 -4.68 34.11
N LEU A 316 29.76 -4.47 35.39
CA LEU A 316 30.86 -3.58 35.72
C LEU A 316 31.76 -4.15 36.81
N ILE A 317 32.24 -5.37 36.59
CA ILE A 317 33.06 -6.06 37.61
C ILE A 317 34.53 -5.71 37.42
N SER A 321 36.56 -12.87 30.76
CA SER A 321 36.99 -12.04 29.62
C SER A 321 37.95 -10.88 30.06
N GLY A 322 38.56 -10.17 29.11
CA GLY A 322 39.59 -9.18 29.45
C GLY A 322 39.04 -7.92 30.10
N LYS A 323 37.74 -7.66 29.87
CA LYS A 323 37.03 -6.47 30.35
C LYS A 323 35.51 -6.66 30.62
N THR A 324 34.91 -5.58 31.14
CA THR A 324 33.53 -5.63 31.69
C THR A 324 32.47 -5.84 30.61
N LYS A 325 31.34 -6.47 30.99
CA LYS A 325 30.18 -6.64 30.08
C LYS A 325 29.70 -5.30 29.54
N LEU A 326 29.84 -4.22 30.32
CA LEU A 326 29.49 -2.88 29.86
C LEU A 326 30.36 -2.47 28.69
N GLU A 327 31.68 -2.57 28.86
CA GLU A 327 32.62 -2.30 27.76
C GLU A 327 32.40 -3.29 26.60
N LYS A 328 32.25 -4.57 26.94
CA LYS A 328 32.03 -5.63 25.95
C LYS A 328 30.76 -5.34 25.13
N GLN A 329 29.63 -5.06 25.80
CA GLN A 329 28.37 -4.67 25.10
C GLN A 329 28.52 -3.34 24.38
N PHE A 330 29.08 -2.34 25.08
CA PHE A 330 29.21 -1.01 24.48
C PHE A 330 29.89 -1.06 23.10
N GLN A 331 31.01 -1.77 23.05
CA GLN A 331 31.75 -1.91 21.80
C GLN A 331 30.83 -2.37 20.67
N LEU A 332 29.91 -3.27 21.01
CA LEU A 332 29.03 -3.86 20.02
C LEU A 332 28.00 -2.88 19.46
N LEU A 333 27.56 -1.89 20.25
CA LEU A 333 26.67 -0.84 19.70
C LEU A 333 27.32 -0.10 18.53
N SER A 334 28.64 0.14 18.64
CA SER A 334 29.46 0.81 17.60
C SER A 334 29.88 -0.20 16.50
N GLN A 335 29.07 -0.25 15.44
CA GLN A 335 29.16 -1.27 14.42
C GLN A 335 28.65 -0.77 13.05
N SER A 344 26.93 1.90 4.37
CA SER A 344 26.63 3.29 4.68
C SER A 344 26.65 4.17 3.42
N THR A 345 25.63 5.03 3.24
CA THR A 345 25.54 5.94 2.07
C THR A 345 24.91 7.24 2.54
N ALA A 346 25.61 8.34 2.26
CA ALA A 346 25.14 9.67 2.58
C ALA A 346 24.56 10.41 1.35
N LEU A 347 23.52 11.21 1.62
CA LEU A 347 22.99 12.20 0.68
C LEU A 347 23.18 13.53 1.43
N LYS A 348 24.23 14.26 1.00
CA LYS A 348 24.83 15.39 1.74
C LYS A 348 25.92 16.04 0.86
N GLN A 349 25.59 16.26 -0.41
CA GLN A 349 26.56 16.80 -1.35
C GLN A 349 26.16 18.26 -1.36
N CYS A 350 25.35 18.69 -2.32
CA CYS A 350 25.07 20.11 -2.52
C CYS A 350 23.72 20.51 -1.91
N ASN A 351 23.19 19.68 -1.00
CA ASN A 351 22.11 20.08 -0.05
C ASN A 351 22.64 20.03 1.39
N ARG A 352 23.97 19.98 1.53
CA ARG A 352 24.62 19.84 2.84
C ARG A 352 24.42 21.09 3.71
N GLU A 353 24.09 22.22 3.07
CA GLU A 353 23.76 23.46 3.81
C GLU A 353 22.36 23.44 4.46
N LYS A 354 21.72 22.25 4.54
CA LYS A 354 20.48 22.04 5.33
C LYS A 354 20.67 21.12 6.58
N ASN A 355 21.92 20.94 7.03
CA ASN A 355 22.22 20.21 8.27
C ASN A 355 23.01 21.13 9.19
N ARG A 356 22.88 20.88 10.50
CA ARG A 356 23.55 21.64 11.55
C ARG A 356 25.01 21.20 11.68
N THR A 357 25.20 19.89 11.84
CA THR A 357 26.52 19.29 11.98
C THR A 357 26.59 18.03 11.13
N SER A 358 27.69 17.92 10.38
CA SER A 358 28.05 16.70 9.65
C SER A 358 28.52 15.57 10.59
N SER A 359 28.30 15.76 11.90
CA SER A 359 28.50 14.73 12.92
C SER A 359 27.25 13.82 13.10
N ILE A 360 26.05 14.40 13.06
CA ILE A 360 24.80 13.62 13.20
C ILE A 360 23.92 13.83 11.95
N ILE A 361 23.91 12.81 11.10
CA ILE A 361 23.45 12.88 9.70
C ILE A 361 22.83 11.50 9.30
N PRO A 362 21.63 11.52 8.65
CA PRO A 362 20.93 10.26 8.44
C PRO A 362 21.65 9.31 7.47
N VAL A 363 21.40 8.02 7.61
CA VAL A 363 21.87 6.99 6.68
C VAL A 363 20.65 6.59 5.86
N GLU A 364 20.87 6.23 4.60
CA GLU A 364 19.79 5.93 3.63
C GLU A 364 18.78 4.86 4.08
N ARG A 365 19.26 3.89 4.86
CA ARG A 365 18.42 2.84 5.42
C ARG A 365 17.25 3.47 6.16
N SER A 366 17.60 4.34 7.11
CA SER A 366 16.67 4.98 8.00
C SER A 366 16.26 6.40 7.61
N ARG A 367 16.75 6.91 6.47
CA ARG A 367 16.58 8.33 6.14
C ARG A 367 15.12 8.69 5.86
N VAL A 368 14.64 9.76 6.50
CA VAL A 368 13.23 10.17 6.38
C VAL A 368 13.01 11.04 5.15
N GLY A 369 12.02 10.61 4.37
CA GLY A 369 11.78 11.12 3.03
C GLY A 369 10.60 12.04 3.07
N ILE A 370 10.89 13.33 2.96
CA ILE A 370 9.92 14.33 2.55
C ILE A 370 9.70 14.19 1.01
N SER A 371 8.53 14.60 0.55
CA SER A 371 8.18 14.54 -0.88
C SER A 371 9.02 15.52 -1.74
N ASP A 379 12.25 17.77 -1.21
CA ASP A 379 12.74 16.37 -1.02
C ASP A 379 13.53 15.97 0.29
N TYR A 380 14.72 16.54 0.56
CA TYR A 380 15.58 16.08 1.71
C TYR A 380 15.45 16.81 3.07
N ILE A 381 15.51 16.04 4.17
CA ILE A 381 15.60 16.59 5.54
C ILE A 381 16.50 15.71 6.40
N ASN A 382 17.31 16.30 7.27
CA ASN A 382 18.12 15.54 8.25
C ASN A 382 17.20 14.92 9.34
N ALA A 383 16.84 13.64 9.15
CA ALA A 383 15.96 12.88 10.05
C ALA A 383 15.99 11.39 9.76
N SER A 384 16.06 10.58 10.81
CA SER A 384 16.14 9.11 10.67
C SER A 384 14.93 8.46 11.32
N TYR A 385 14.41 7.38 10.74
CA TYR A 385 13.35 6.62 11.37
C TYR A 385 14.00 5.85 12.50
N ILE A 386 13.34 5.83 13.65
CA ILE A 386 13.79 5.04 14.78
C ILE A 386 12.64 4.15 15.24
N MET A 387 13.01 2.93 15.65
CA MET A 387 12.06 1.88 15.89
C MET A 387 11.83 1.81 17.36
N GLY A 388 10.67 1.28 17.72
CA GLY A 388 10.28 1.16 19.10
C GLY A 388 9.68 -0.20 19.30
N TYR A 389 8.97 -0.36 20.40
CA TYR A 389 8.42 -1.65 20.76
C TYR A 389 7.34 -2.11 19.79
N TYR A 390 6.48 -1.19 19.37
CA TYR A 390 5.24 -1.52 18.67
C TYR A 390 5.30 -1.37 17.17
N GLN A 391 6.21 -0.54 16.67
CA GLN A 391 6.31 -0.25 15.24
C GLN A 391 7.69 0.16 14.83
N SER A 392 8.31 -0.59 13.93
CA SER A 392 9.41 -0.04 13.17
C SER A 392 8.85 1.23 12.59
N ASN A 393 9.58 2.33 12.74
CA ASN A 393 9.06 3.69 12.46
C ASN A 393 8.08 4.15 13.55
N GLU A 394 8.43 3.87 14.81
CA GLU A 394 7.73 4.43 15.97
C GLU A 394 8.09 5.91 16.09
N PHE A 395 9.38 6.20 16.09
CA PHE A 395 9.85 7.57 16.24
C PHE A 395 10.58 8.06 15.01
N ILE A 396 10.81 9.36 14.99
CA ILE A 396 11.75 9.97 14.08
C ILE A 396 12.62 10.85 14.93
N ILE A 397 13.93 10.63 14.87
CA ILE A 397 14.89 11.54 15.46
C ILE A 397 15.34 12.43 14.32
N THR A 398 15.66 13.66 14.68
CA THR A 398 16.02 14.70 13.73
C THR A 398 16.58 15.90 14.46
N GLN A 399 17.08 16.87 13.70
CA GLN A 399 17.64 18.13 14.26
C GLN A 399 16.56 19.14 14.62
N HIS A 400 16.99 20.20 15.31
CA HIS A 400 16.16 21.39 15.56
C HIS A 400 16.16 22.21 14.27
N PRO A 401 14.98 22.69 13.81
CA PRO A 401 14.97 23.34 12.49
C PRO A 401 15.88 24.55 12.38
N LEU A 402 16.65 24.57 11.30
CA LEU A 402 17.32 25.77 10.81
C LEU A 402 16.22 26.57 10.08
N LEU A 403 16.38 27.88 10.00
CA LEU A 403 15.29 28.79 9.56
C LEU A 403 14.66 28.36 8.22
N HIS A 404 15.51 27.97 7.27
CA HIS A 404 15.08 27.43 5.94
C HIS A 404 14.38 26.04 6.00
N THR A 405 14.90 25.17 6.86
CA THR A 405 14.34 23.86 7.15
C THR A 405 12.99 23.87 7.89
N ILE A 406 12.66 24.97 8.57
CA ILE A 406 11.38 25.09 9.30
C ILE A 406 10.23 24.58 8.45
N LYS A 407 10.17 25.04 7.20
CA LYS A 407 9.09 24.65 6.29
C LYS A 407 9.11 23.14 6.00
N ASP A 408 10.32 22.58 5.85
CA ASP A 408 10.49 21.13 5.66
C ASP A 408 10.03 20.32 6.86
N PHE A 409 10.55 20.69 8.03
CA PHE A 409 10.15 20.08 9.31
C PHE A 409 8.64 19.85 9.41
N TRP A 410 7.86 20.91 9.17
CA TRP A 410 6.41 20.81 9.21
C TRP A 410 5.83 19.88 8.14
N ARG A 411 6.39 19.96 6.92
CA ARG A 411 6.05 18.99 5.84
C ARG A 411 6.34 17.54 6.24
N MET A 412 7.41 17.34 6.97
CA MET A 412 7.73 16.02 7.47
C MET A 412 6.57 15.50 8.30
N ILE A 413 6.08 16.32 9.21
CA ILE A 413 4.97 15.96 10.12
C ILE A 413 3.74 15.63 9.26
N TRP A 414 3.50 16.49 8.28
CA TRP A 414 2.37 16.39 7.38
C TRP A 414 2.40 15.11 6.54
N ASP A 415 3.57 14.75 6.00
CA ASP A 415 3.69 13.51 5.20
C ASP A 415 3.53 12.25 6.01
N HIS A 416 4.13 12.24 7.20
CA HIS A 416 4.14 11.05 8.03
C HIS A 416 2.99 11.01 9.00
N ASN A 417 2.13 12.02 8.96
CA ASN A 417 0.88 12.05 9.71
C ASN A 417 1.12 11.90 11.23
N ALA A 418 2.21 12.49 11.69
CA ALA A 418 2.58 12.44 13.11
C ALA A 418 1.71 13.41 13.92
N GLN A 419 1.26 12.99 15.10
CA GLN A 419 0.56 13.89 16.01
C GLN A 419 1.34 14.25 17.32
N LEU A 420 2.53 13.67 17.53
CA LEU A 420 3.38 14.08 18.63
C LEU A 420 4.68 14.68 18.16
N VAL A 421 5.08 15.77 18.79
CA VAL A 421 6.45 16.27 18.71
C VAL A 421 6.95 16.48 20.13
N VAL A 422 8.07 15.84 20.46
CA VAL A 422 8.81 16.11 21.70
C VAL A 422 10.08 16.89 21.42
N MET A 423 10.22 18.05 22.09
CA MET A 423 11.39 18.91 21.98
C MET A 423 12.15 18.87 23.29
N ILE A 424 13.47 18.90 23.18
CA ILE A 424 14.36 18.72 24.33
C ILE A 424 15.60 19.63 24.13
N PRO A 425 15.58 20.87 24.67
CA PRO A 425 16.54 21.89 24.26
C PRO A 425 17.73 22.02 25.21
N PHE A 435 15.14 28.50 19.86
CA PHE A 435 14.61 29.21 18.70
C PHE A 435 13.20 28.72 18.38
N VAL A 436 12.26 29.64 18.24
CA VAL A 436 10.88 29.28 17.89
C VAL A 436 10.75 29.03 16.40
N TYR A 437 10.20 27.87 16.03
CA TYR A 437 9.97 27.48 14.63
C TYR A 437 8.48 27.22 14.40
N TRP A 438 7.63 27.78 15.28
CA TRP A 438 6.19 27.49 15.28
C TRP A 438 5.29 28.74 15.37
N PRO A 439 4.10 28.67 14.72
CA PRO A 439 3.26 29.86 14.56
C PRO A 439 2.53 30.31 15.82
N ASN A 440 2.24 31.61 15.86
CA ASN A 440 1.33 32.21 16.82
C ASN A 440 -0.02 32.44 16.16
N LYS A 441 -1.01 32.83 16.96
CA LYS A 441 -2.27 33.36 16.43
C LYS A 441 -2.03 34.66 15.64
N ASP A 442 -0.93 35.34 15.93
CA ASP A 442 -0.42 36.47 15.12
C ASP A 442 -0.30 36.12 13.63
N GLU A 443 0.34 34.98 13.35
CA GLU A 443 0.74 34.64 11.98
C GLU A 443 0.97 33.13 11.81
N PRO A 444 -0.10 32.40 11.45
CA PRO A 444 0.04 31.00 11.00
C PRO A 444 1.16 30.79 9.99
N ILE A 445 1.78 29.60 10.00
CA ILE A 445 2.80 29.24 9.01
C ILE A 445 2.11 28.75 7.73
N ASN A 446 2.62 29.20 6.58
CA ASN A 446 2.02 28.93 5.28
C ASN A 446 2.90 28.03 4.44
N CYS A 447 2.66 26.73 4.55
CA CYS A 447 3.22 25.76 3.60
C CYS A 447 2.24 25.63 2.43
N GLU A 448 2.73 25.19 1.27
CA GLU A 448 1.89 25.14 0.07
C GLU A 448 0.64 24.29 0.28
N SER A 449 0.81 22.97 0.43
CA SER A 449 -0.34 22.05 0.57
C SER A 449 -0.96 21.98 1.99
N PHE A 450 -0.54 22.87 2.92
CA PHE A 450 -1.23 23.04 4.23
C PHE A 450 -0.90 24.34 5.04
N LYS A 451 -1.77 24.69 5.99
CA LYS A 451 -1.55 25.80 6.93
C LYS A 451 -1.38 25.33 8.37
N VAL A 452 -0.29 25.75 9.02
CA VAL A 452 0.02 25.40 10.41
C VAL A 452 -0.46 26.52 11.34
N THR A 453 -1.26 26.16 12.35
CA THR A 453 -1.92 27.15 13.19
C THR A 453 -2.00 26.70 14.66
N LEU A 454 -1.87 27.66 15.56
CA LEU A 454 -1.77 27.40 17.00
C LEU A 454 -3.14 27.44 17.69
N MET A 455 -3.51 26.35 18.37
CA MET A 455 -4.83 26.22 19.04
C MET A 455 -4.78 26.46 20.55
N SER A 456 -3.83 25.81 21.23
CA SER A 456 -3.69 25.88 22.69
C SER A 456 -2.25 26.19 23.12
N GLU A 457 -2.04 26.34 24.42
CA GLU A 457 -0.71 26.38 25.02
C GLU A 457 -0.89 26.30 26.53
N GLU A 458 -0.53 25.18 27.14
CA GLU A 458 -0.49 25.03 28.59
C GLU A 458 0.91 24.92 29.08
N HIS A 459 1.07 25.01 30.40
CA HIS A 459 2.36 24.95 31.07
C HIS A 459 2.17 24.10 32.30
N LYS A 460 2.81 22.95 32.37
CA LYS A 460 2.69 22.02 33.50
C LYS A 460 3.92 22.15 34.40
N CYS A 461 3.70 22.21 35.70
CA CYS A 461 4.81 22.16 36.66
C CYS A 461 5.03 20.73 37.14
N LEU A 462 6.18 20.16 36.80
CA LEU A 462 6.53 18.79 37.17
C LEU A 462 7.06 18.75 38.61
N SER A 463 7.20 17.55 39.16
CA SER A 463 7.46 17.35 40.61
C SER A 463 8.73 17.98 41.21
N ASN A 464 9.68 18.44 40.37
CA ASN A 464 10.77 19.34 40.82
C ASN A 464 10.60 20.77 40.26
N GLU A 465 9.36 21.15 39.98
CA GLU A 465 8.98 22.48 39.48
C GLU A 465 9.68 22.93 38.18
N GLU A 466 9.90 22.01 37.24
CA GLU A 466 10.28 22.40 35.88
C GLU A 466 9.02 22.43 35.02
N LYS A 467 9.14 22.97 33.80
CA LYS A 467 7.98 23.24 32.96
C LYS A 467 7.88 22.26 31.78
N LEU A 468 6.65 21.91 31.41
CA LEU A 468 6.38 21.20 30.17
C LEU A 468 5.44 22.06 29.30
N ILE A 469 5.96 22.65 28.23
CA ILE A 469 5.20 23.53 27.40
C ILE A 469 4.40 22.69 26.42
N VAL A 470 3.17 22.37 26.78
CA VAL A 470 2.23 21.68 25.87
C VAL A 470 1.51 22.68 24.98
N GLN A 471 1.76 22.65 23.67
CA GLN A 471 0.98 23.42 22.71
C GLN A 471 0.32 22.50 21.71
N ASP A 472 -0.94 22.76 21.38
CA ASP A 472 -1.62 22.05 20.31
C ASP A 472 -1.64 22.84 19.01
N PHE A 473 -1.69 22.11 17.90
CA PHE A 473 -1.69 22.68 16.55
C PHE A 473 -2.67 21.95 15.65
N ILE A 474 -2.99 22.60 14.54
CA ILE A 474 -3.67 21.98 13.41
C ILE A 474 -2.95 22.32 12.10
N LEU A 475 -2.81 21.31 11.24
CA LEU A 475 -2.42 21.53 9.86
C LEU A 475 -3.66 21.25 9.02
N GLU A 476 -4.12 22.27 8.29
CA GLU A 476 -5.26 22.13 7.41
C GLU A 476 -4.79 22.16 5.97
N ALA A 477 -5.29 21.23 5.16
CA ALA A 477 -4.92 21.19 3.75
C ALA A 477 -5.44 22.43 3.03
N THR A 478 -4.58 23.01 2.22
CA THR A 478 -4.95 24.10 1.32
C THR A 478 -5.64 23.53 0.08
N GLN A 479 -5.27 22.30 -0.27
CA GLN A 479 -5.79 21.58 -1.44
C GLN A 479 -6.71 20.37 -1.18
N ASP A 480 -7.22 20.26 0.04
CA ASP A 480 -8.13 19.17 0.45
C ASP A 480 -8.84 19.58 1.74
N ASP A 481 -9.66 18.69 2.30
CA ASP A 481 -10.35 18.91 3.57
C ASP A 481 -9.61 18.50 4.83
N TYR A 482 -8.51 17.75 4.70
CA TYR A 482 -7.90 17.07 5.86
C TYR A 482 -7.33 18.02 6.92
N VAL A 483 -7.55 17.65 8.19
CA VAL A 483 -7.00 18.38 9.35
C VAL A 483 -6.15 17.43 10.22
N LEU A 484 -4.87 17.79 10.43
CA LEU A 484 -3.95 17.01 11.26
C LEU A 484 -3.71 17.71 12.58
N GLU A 485 -4.01 17.03 13.70
CA GLU A 485 -3.97 17.62 15.06
C GLU A 485 -2.71 17.25 15.85
N VAL A 486 -1.74 18.15 15.88
CA VAL A 486 -0.45 17.89 16.50
C VAL A 486 -0.41 18.44 17.92
N ARG A 487 0.29 17.74 18.80
CA ARG A 487 0.61 18.22 20.14
C ARG A 487 2.13 18.30 20.28
N HIS A 488 2.59 19.37 20.93
CA HIS A 488 4.00 19.75 20.96
C HIS A 488 4.48 19.92 22.38
N PHE A 489 5.50 19.15 22.77
CA PHE A 489 6.10 19.25 24.10
C PHE A 489 7.44 19.94 23.99
N GLN A 490 7.66 20.97 24.80
CA GLN A 490 8.99 21.51 25.03
C GLN A 490 9.36 21.00 26.40
N CYS A 491 10.48 20.30 26.48
CA CYS A 491 10.98 19.75 27.73
C CYS A 491 11.99 20.71 28.38
N PRO A 492 12.31 20.48 29.67
CA PRO A 492 13.35 21.28 30.31
C PRO A 492 14.73 20.85 29.85
N LYS A 493 15.75 21.12 30.65
CA LYS A 493 16.99 20.35 30.56
C LYS A 493 16.52 18.93 30.82
N TRP A 494 16.90 17.99 29.97
CA TRP A 494 16.55 16.58 30.18
C TRP A 494 17.63 15.60 29.70
N PRO A 495 17.94 14.56 30.51
CA PRO A 495 17.56 14.40 31.92
C PRO A 495 18.27 15.44 32.77
N ASN A 496 17.53 16.12 33.65
CA ASN A 496 18.15 17.00 34.62
C ASN A 496 18.86 16.08 35.63
N PRO A 497 20.22 16.02 35.56
CA PRO A 497 20.91 15.01 36.39
C PRO A 497 21.09 15.42 37.87
N ASP A 498 20.78 16.70 38.21
CA ASP A 498 20.77 17.14 39.60
C ASP A 498 19.44 16.77 40.30
N SER A 499 18.30 16.82 39.59
CA SER A 499 17.06 16.18 40.10
C SER A 499 17.29 14.66 39.98
N PRO A 500 16.69 13.86 40.89
CA PRO A 500 17.10 12.45 40.94
C PRO A 500 16.69 11.62 39.73
N ILE A 501 17.22 10.40 39.62
CA ILE A 501 17.00 9.56 38.44
C ILE A 501 15.56 9.03 38.36
N SER A 502 14.88 8.96 39.50
CA SER A 502 13.48 8.52 39.55
C SER A 502 12.50 9.49 38.89
N LYS A 503 12.92 10.73 38.64
CA LYS A 503 12.06 11.73 37.99
C LYS A 503 12.42 11.95 36.52
N THR A 504 13.39 11.19 36.00
CA THR A 504 13.61 11.06 34.56
C THR A 504 12.38 10.46 33.91
N PHE A 505 11.95 9.30 34.42
CA PHE A 505 10.76 8.61 33.92
C PHE A 505 9.45 9.35 33.92
N GLU A 506 9.25 10.31 34.84
CA GLU A 506 7.96 11.02 34.93
C GLU A 506 7.62 11.70 33.60
N LEU A 507 8.62 12.31 32.96
CA LEU A 507 8.45 12.88 31.63
C LEU A 507 7.90 11.84 30.68
N ILE A 508 8.62 10.75 30.58
CA ILE A 508 8.35 9.65 29.63
C ILE A 508 6.96 9.03 29.84
N SER A 509 6.53 8.86 31.09
CA SER A 509 5.19 8.37 31.39
C SER A 509 4.14 9.34 30.86
N ILE A 510 4.36 10.64 31.02
CA ILE A 510 3.43 11.64 30.50
C ILE A 510 3.28 11.51 28.99
N ILE A 511 4.40 11.55 28.27
CA ILE A 511 4.38 11.47 26.79
C ILE A 511 3.93 10.08 26.29
N LYS A 512 4.19 9.03 27.07
CA LYS A 512 3.67 7.68 26.77
C LYS A 512 2.16 7.71 26.60
N GLU A 513 1.44 8.15 27.65
CA GLU A 513 -0.04 8.26 27.66
C GLU A 513 -0.60 9.01 26.48
N GLU A 514 0.04 10.15 26.21
CA GLU A 514 -0.40 11.00 25.12
C GLU A 514 -0.27 10.25 23.80
N ALA A 515 0.87 9.60 23.56
CA ALA A 515 1.10 8.89 22.28
C ALA A 515 0.25 7.63 22.06
N ALA A 516 -0.45 7.16 23.10
CA ALA A 516 -1.38 6.04 22.98
C ALA A 516 -2.58 6.39 22.10
N ASN A 517 -3.28 7.45 22.49
CA ASN A 517 -4.47 7.96 21.75
C ASN A 517 -4.15 8.64 20.40
N ARG A 518 -2.87 8.99 20.17
CA ARG A 518 -2.42 9.60 18.90
C ARG A 518 -1.93 8.51 17.94
N ASP A 519 -2.05 8.81 16.65
CA ASP A 519 -1.58 7.95 15.56
C ASP A 519 -0.32 8.59 14.98
N GLY A 520 0.26 7.98 13.93
CA GLY A 520 1.53 8.44 13.34
C GLY A 520 2.73 8.38 14.27
N PRO A 521 3.95 8.61 13.73
CA PRO A 521 5.15 8.53 14.55
C PRO A 521 5.36 9.71 15.48
N MET A 522 6.29 9.57 16.42
CA MET A 522 6.70 10.65 17.34
C MET A 522 7.91 11.32 16.74
N ILE A 523 7.85 12.63 16.50
CA ILE A 523 9.02 13.38 16.09
C ILE A 523 9.70 13.82 17.39
N VAL A 524 10.99 13.49 17.55
CA VAL A 524 11.73 13.85 18.76
C VAL A 524 13.02 14.52 18.30
N HIS A 525 13.22 15.77 18.72
CA HIS A 525 14.43 16.48 18.34
C HIS A 525 15.06 17.04 19.59
N ASP A 526 16.38 16.95 19.63
CA ASP A 526 17.21 17.75 20.52
C ASP A 526 17.87 18.72 19.56
N GLU A 527 19.03 19.26 19.89
CA GLU A 527 19.69 20.19 18.98
C GLU A 527 20.04 19.50 17.65
N HIS A 528 20.71 18.33 17.73
CA HIS A 528 21.36 17.67 16.58
C HIS A 528 20.83 16.28 16.22
N GLY A 529 19.77 15.83 16.89
CA GLY A 529 19.24 14.49 16.69
C GLY A 529 20.16 13.43 17.27
N GLY A 530 20.80 13.75 18.38
CA GLY A 530 21.84 12.91 18.99
C GLY A 530 21.36 12.27 20.28
N VAL A 531 22.31 12.01 21.18
CA VAL A 531 22.08 11.29 22.45
C VAL A 531 20.77 11.56 23.23
N THR A 532 20.43 12.82 23.43
CA THR A 532 19.29 13.20 24.30
C THR A 532 17.96 12.75 23.69
N ALA A 533 17.80 12.92 22.38
CA ALA A 533 16.67 12.36 21.67
C ALA A 533 16.73 10.81 21.67
N GLY A 534 17.91 10.23 21.45
CA GLY A 534 18.10 8.78 21.43
C GLY A 534 17.76 8.07 22.74
N THR A 535 18.16 8.67 23.85
CA THR A 535 17.76 8.19 25.19
C THR A 535 16.26 8.25 25.45
N PHE A 536 15.59 9.25 24.87
CA PHE A 536 14.12 9.36 24.93
C PHE A 536 13.44 8.15 24.29
N CYS A 537 13.79 7.91 23.04
CA CYS A 537 13.26 6.77 22.31
C CYS A 537 13.64 5.48 23.00
N ALA A 538 14.85 5.41 23.50
CA ALA A 538 15.26 4.23 24.21
C ALA A 538 14.31 4.01 25.41
N LEU A 539 14.24 4.99 26.30
CA LEU A 539 13.59 4.78 27.60
C LEU A 539 12.07 4.62 27.49
N THR A 540 11.47 5.33 26.54
CA THR A 540 10.08 5.08 26.20
C THR A 540 9.93 3.62 25.81
N THR A 541 10.72 3.20 24.81
CA THR A 541 10.69 1.83 24.31
C THR A 541 10.95 0.80 25.41
N LEU A 542 11.85 1.10 26.32
CA LEU A 542 12.11 0.21 27.46
C LEU A 542 10.99 0.20 28.45
N MET A 543 10.36 1.36 28.70
CA MET A 543 9.17 1.45 29.57
C MET A 543 8.05 0.54 29.06
N HIS A 544 7.76 0.63 27.78
CA HIS A 544 6.75 -0.23 27.15
C HIS A 544 7.11 -1.66 27.37
N GLN A 545 8.33 -1.99 26.96
CA GLN A 545 8.86 -3.36 26.97
C GLN A 545 8.81 -3.99 28.36
N LEU A 546 9.08 -3.19 29.38
CA LEU A 546 8.94 -3.64 30.75
C LEU A 546 7.47 -3.85 31.10
N GLU A 547 6.66 -2.81 30.86
CA GLU A 547 5.24 -2.86 31.19
C GLU A 547 4.60 -4.13 30.63
N LYS A 548 4.80 -4.39 29.35
CA LYS A 548 4.03 -5.42 28.64
C LYS A 548 4.60 -6.82 28.71
N GLU A 549 5.93 -6.96 28.59
CA GLU A 549 6.58 -8.29 28.59
C GLU A 549 7.29 -8.61 29.90
N ASN A 550 7.38 -7.63 30.80
CA ASN A 550 8.12 -7.76 32.05
C ASN A 550 9.63 -7.96 31.83
N SER A 551 10.11 -7.53 30.65
CA SER A 551 11.51 -7.70 30.26
C SER A 551 12.15 -6.39 29.83
N MET A 552 13.48 -6.37 29.85
CA MET A 552 14.29 -5.24 29.40
C MET A 552 15.44 -5.78 28.56
N ASP A 553 15.62 -5.29 27.33
CA ASP A 553 16.80 -5.62 26.56
C ASP A 553 17.43 -4.33 26.12
N VAL A 554 18.14 -3.71 27.07
CA VAL A 554 18.75 -2.39 26.87
C VAL A 554 19.79 -2.45 25.74
N TYR A 555 20.60 -3.51 25.74
CA TYR A 555 21.61 -3.71 24.73
C TYR A 555 21.05 -3.56 23.32
N GLN A 556 19.89 -4.20 23.11
CA GLN A 556 19.26 -4.20 21.81
C GLN A 556 18.70 -2.83 21.45
N VAL A 557 18.02 -2.23 22.42
CA VAL A 557 17.36 -0.94 22.23
C VAL A 557 18.36 0.15 21.86
N ALA A 558 19.55 0.13 22.47
CA ALA A 558 20.60 1.09 22.08
C ALA A 558 21.16 0.81 20.71
N LYS A 559 21.49 -0.46 20.46
CA LYS A 559 22.15 -0.82 19.22
C LYS A 559 21.26 -0.52 18.02
N MET A 560 20.02 -1.00 18.03
CA MET A 560 19.08 -0.73 16.94
C MET A 560 19.00 0.77 16.69
N ILE A 561 18.82 1.55 17.75
CA ILE A 561 18.88 3.02 17.68
C ILE A 561 20.15 3.49 16.97
N ASN A 562 21.29 3.01 17.45
CA ASN A 562 22.62 3.43 16.96
C ASN A 562 22.90 2.94 15.53
N LEU A 563 22.36 1.77 15.20
CA LEU A 563 22.41 1.26 13.84
C LEU A 563 21.58 2.18 12.94
N MET A 564 20.41 2.57 13.41
CA MET A 564 19.52 3.39 12.60
C MET A 564 19.86 4.85 12.53
N ARG A 565 20.57 5.40 13.52
CA ARG A 565 21.11 6.77 13.41
C ARG A 565 22.51 6.87 14.03
N PRO A 566 23.54 6.41 13.30
CA PRO A 566 24.88 6.35 13.88
C PRO A 566 25.39 7.70 14.46
N GLY A 567 25.95 7.65 15.67
CA GLY A 567 26.43 8.82 16.39
C GLY A 567 25.57 9.26 17.55
N VAL A 568 24.47 8.56 17.81
CA VAL A 568 23.58 8.85 18.93
C VAL A 568 24.22 8.47 20.26
N PHE A 569 24.74 7.24 20.31
CA PHE A 569 25.51 6.75 21.45
C PHE A 569 26.97 6.49 21.04
N THR A 570 27.85 7.41 21.43
CA THR A 570 29.27 7.35 21.12
C THR A 570 30.14 7.23 22.37
N ASP A 571 29.51 7.29 23.55
CA ASP A 571 30.19 7.34 24.85
C ASP A 571 29.48 6.41 25.85
N ILE A 572 30.25 5.72 26.67
CA ILE A 572 29.73 4.66 27.52
C ILE A 572 28.89 5.16 28.70
N GLU A 573 29.17 6.37 29.16
CA GLU A 573 28.49 6.91 30.33
C GLU A 573 26.98 7.05 30.08
N GLN A 574 26.63 7.30 28.83
CA GLN A 574 25.25 7.40 28.39
C GLN A 574 24.61 6.02 28.22
N TYR A 575 25.40 5.06 27.72
CA TYR A 575 24.96 3.67 27.60
C TYR A 575 24.68 3.11 28.96
N GLN A 576 25.61 3.31 29.91
CA GLN A 576 25.40 2.86 31.28
C GLN A 576 24.15 3.49 31.86
N PHE A 577 24.14 4.82 31.83
CA PHE A 577 22.99 5.61 32.26
C PHE A 577 21.66 4.90 31.98
N LEU A 578 21.49 4.41 30.76
CA LEU A 578 20.28 3.69 30.43
C LEU A 578 20.01 2.58 31.43
N TYR A 579 21.00 1.74 31.69
CA TYR A 579 20.85 0.70 32.70
C TYR A 579 20.42 1.30 34.04
N LYS A 580 21.22 2.25 34.52
CA LYS A 580 20.92 3.06 35.71
C LYS A 580 19.45 3.48 35.83
N VAL A 581 18.95 4.17 34.80
CA VAL A 581 17.61 4.76 34.85
C VAL A 581 16.59 3.61 34.99
N VAL A 582 16.65 2.67 34.05
CA VAL A 582 15.87 1.41 34.06
C VAL A 582 15.78 0.69 35.42
N LEU A 583 16.85 0.70 36.20
CA LEU A 583 16.88 0.01 37.49
C LEU A 583 15.97 0.67 38.51
N SER A 584 15.93 2.02 38.51
CA SER A 584 15.05 2.77 39.42
C SER A 584 13.58 2.50 39.17
N LEU A 585 13.27 2.12 37.93
CA LEU A 585 11.91 1.70 37.57
C LEU A 585 11.41 0.42 38.29
N VAL A 586 12.30 -0.53 38.57
CA VAL A 586 11.85 -1.84 39.10
C VAL A 586 11.72 -1.87 40.64
N SER A 587 11.42 -0.73 41.28
CA SER A 587 11.13 -0.69 42.73
C SER A 587 9.72 -1.20 43.05
N ALA B 1 -27.71 33.05 -15.11
CA ALA B 1 -27.74 31.76 -15.89
C ALA B 1 -27.18 31.99 -17.27
N ILE B 2 -26.30 31.08 -17.71
CA ILE B 2 -25.76 31.06 -19.05
C ILE B 2 -26.46 29.93 -19.81
N PRO B 3 -26.70 30.09 -21.13
CA PRO B 3 -27.18 28.92 -21.89
C PRO B 3 -26.02 28.04 -22.29
N ILE B 4 -26.29 26.74 -22.44
CA ILE B 4 -25.29 25.78 -22.94
C ILE B 4 -24.57 26.23 -24.23
N LYS B 5 -25.25 27.01 -25.06
CA LYS B 5 -24.65 27.67 -26.21
C LYS B 5 -23.38 28.46 -25.81
N HIS B 6 -23.50 29.28 -24.77
CA HIS B 6 -22.46 30.23 -24.41
C HIS B 6 -21.62 29.83 -23.21
N PHE B 7 -21.96 28.73 -22.54
CA PHE B 7 -21.21 28.29 -21.36
C PHE B 7 -19.76 27.89 -21.67
N PRO B 8 -19.52 27.09 -22.74
CA PRO B 8 -18.12 26.76 -23.07
C PRO B 8 -17.22 28.01 -23.24
N LYS B 9 -17.60 28.96 -24.10
CA LYS B 9 -16.83 30.20 -24.24
C LYS B 9 -16.73 30.91 -22.88
N HIS B 10 -17.88 31.10 -22.24
CA HIS B 10 -17.97 31.75 -20.92
C HIS B 10 -16.97 31.19 -19.90
N VAL B 11 -16.73 29.87 -19.96
CA VAL B 11 -15.73 29.22 -19.10
C VAL B 11 -14.32 29.63 -19.47
N ALA B 12 -13.96 29.48 -20.74
CA ALA B 12 -12.64 29.91 -21.24
C ALA B 12 -12.32 31.38 -20.91
N ASP B 13 -13.37 32.21 -20.86
CA ASP B 13 -13.25 33.62 -20.49
C ASP B 13 -12.82 33.87 -19.05
N LEU B 14 -13.22 32.95 -18.16
CA LEU B 14 -12.83 32.99 -16.73
C LEU B 14 -11.43 32.41 -16.47
N HIS B 15 -11.00 31.47 -17.32
CA HIS B 15 -9.60 30.97 -17.35
C HIS B 15 -8.62 32.04 -17.84
N ALA B 16 -9.03 32.79 -18.87
CA ALA B 16 -8.21 33.86 -19.45
C ALA B 16 -8.08 35.07 -18.52
N SER B 17 -9.23 35.56 -18.04
CA SER B 17 -9.27 36.71 -17.15
C SER B 17 -8.97 36.41 -15.66
N ASN B 18 -8.62 35.17 -15.33
CA ASN B 18 -8.39 34.76 -13.92
C ASN B 18 -9.55 35.23 -13.04
N GLY B 19 -10.76 34.99 -13.55
CA GLY B 19 -12.00 35.43 -12.93
C GLY B 19 -12.67 34.40 -12.06
N PHE B 20 -12.16 33.17 -12.05
CA PHE B 20 -12.62 32.14 -11.11
C PHE B 20 -12.34 32.51 -9.67
N THR B 21 -11.16 33.11 -9.42
CA THR B 21 -10.73 33.48 -8.07
C THR B 21 -11.58 34.63 -7.49
N GLU B 22 -11.85 35.65 -8.29
CA GLU B 22 -12.84 36.70 -7.98
C GLU B 22 -14.14 36.03 -7.59
N GLU B 23 -14.66 35.23 -8.52
CA GLU B 23 -15.94 34.53 -8.38
C GLU B 23 -15.99 33.61 -7.12
N PHE B 24 -14.84 33.02 -6.75
CA PHE B 24 -14.78 32.15 -5.58
C PHE B 24 -14.57 32.91 -4.27
N GLU B 25 -13.70 33.91 -4.27
CA GLU B 25 -13.55 34.83 -3.14
C GLU B 25 -14.91 35.40 -2.73
N THR B 26 -15.65 35.92 -3.71
CA THR B 26 -16.93 36.54 -3.43
C THR B 26 -17.90 35.57 -2.74
N LEU B 27 -17.85 34.29 -3.10
CA LEU B 27 -18.65 33.26 -2.44
C LEU B 27 -18.34 33.05 -0.95
N LYS B 28 -17.16 33.43 -0.46
CA LYS B 28 -16.75 33.17 0.94
C LYS B 28 -17.65 33.72 2.09
N GLU B 29 -18.55 34.65 1.81
CA GLU B 29 -19.42 35.24 2.83
C GLU B 29 -20.89 35.11 2.41
N THR B 44 -26.14 28.86 11.81
CA THR B 44 -25.75 28.60 13.20
C THR B 44 -25.95 27.14 13.62
N ALA B 45 -25.10 26.66 14.55
CA ALA B 45 -24.85 25.23 14.76
C ALA B 45 -24.86 24.77 16.24
N ASP B 46 -25.99 24.95 16.92
CA ASP B 46 -26.09 24.63 18.36
C ASP B 46 -25.92 23.13 18.68
N SER B 47 -26.63 22.31 17.91
CA SER B 47 -26.66 20.86 18.10
C SER B 47 -25.28 20.25 17.89
N SER B 48 -24.65 20.63 16.79
CA SER B 48 -23.32 20.11 16.43
C SER B 48 -22.19 20.50 17.39
N ASN B 49 -22.41 21.52 18.23
CA ASN B 49 -21.47 21.93 19.29
C ASN B 49 -21.88 21.48 20.71
N HIS B 50 -22.74 20.47 20.80
CA HIS B 50 -23.09 19.83 22.05
C HIS B 50 -21.88 19.16 22.70
N PRO B 51 -22.01 18.75 23.99
CA PRO B 51 -21.08 17.81 24.64
C PRO B 51 -20.28 16.82 23.79
N HIS B 55 -18.15 13.14 20.17
CA HIS B 55 -17.24 12.27 19.41
C HIS B 55 -17.68 11.98 17.96
N LYS B 56 -18.65 12.74 17.44
CA LYS B 56 -19.34 12.43 16.18
C LYS B 56 -19.01 13.38 15.02
N ASN B 57 -18.02 14.25 15.22
CA ASN B 57 -17.54 15.18 14.20
C ASN B 57 -16.09 14.85 13.88
N ARG B 58 -15.80 14.71 12.59
CA ARG B 58 -14.45 14.32 12.14
C ARG B 58 -13.48 15.45 12.46
N TYR B 59 -13.86 16.67 12.08
CA TYR B 59 -13.06 17.86 12.32
C TYR B 59 -13.87 18.91 13.07
N VAL B 60 -13.16 19.75 13.83
CA VAL B 60 -13.77 20.69 14.78
C VAL B 60 -14.39 21.87 14.02
N ASN B 61 -13.68 22.39 13.01
CA ASN B 61 -14.20 23.46 12.13
C ASN B 61 -15.43 23.07 11.28
N ILE B 62 -15.58 21.78 10.95
CA ILE B 62 -16.67 21.26 10.10
C ILE B 62 -17.94 20.99 10.92
N VAL B 63 -19.10 21.43 10.40
CA VAL B 63 -20.34 21.52 11.18
C VAL B 63 -21.65 21.43 10.36
N ALA B 64 -22.69 20.85 10.96
CA ALA B 64 -24.03 20.69 10.31
C ALA B 64 -25.02 21.74 10.84
N TYR B 65 -25.38 22.69 9.98
CA TYR B 65 -26.28 23.80 10.35
C TYR B 65 -27.66 23.30 10.75
N ASP B 66 -28.25 23.94 11.75
CA ASP B 66 -29.48 23.45 12.40
C ASP B 66 -30.74 23.40 11.53
N HIS B 67 -30.91 24.38 10.65
CA HIS B 67 -32.09 24.40 9.77
C HIS B 67 -32.08 23.25 8.76
N SER B 68 -30.88 22.88 8.31
CA SER B 68 -30.67 21.84 7.30
C SER B 68 -30.30 20.47 7.90
N ARG B 69 -29.68 20.46 9.09
CA ARG B 69 -29.22 19.19 9.69
C ARG B 69 -30.29 18.12 9.72
N VAL B 70 -29.81 16.88 9.63
CA VAL B 70 -30.67 15.70 9.71
C VAL B 70 -30.75 15.29 11.18
N LYS B 71 -31.87 14.71 11.62
CA LYS B 71 -32.03 14.29 13.03
C LYS B 71 -31.87 12.78 13.14
N THR B 83 -28.35 11.46 21.21
CA THR B 83 -29.27 10.46 20.66
C THR B 83 -29.77 10.77 19.22
N ASP B 84 -29.96 12.06 18.91
CA ASP B 84 -30.58 12.47 17.64
C ASP B 84 -29.65 13.23 16.69
N TYR B 85 -28.34 13.23 16.97
CA TYR B 85 -27.38 14.05 16.20
C TYR B 85 -26.49 13.27 15.20
N ILE B 86 -26.42 13.75 13.95
CA ILE B 86 -25.42 13.29 12.97
C ILE B 86 -24.98 14.42 12.05
N ASN B 87 -23.68 14.44 11.74
CA ASN B 87 -23.06 15.50 10.94
C ASN B 87 -23.48 15.30 9.46
N ALA B 88 -24.70 15.76 9.14
CA ALA B 88 -25.27 15.66 7.78
C ALA B 88 -26.37 16.68 7.57
N ASN B 89 -26.50 17.19 6.34
CA ASN B 89 -27.50 18.18 5.98
C ASN B 89 -28.34 17.71 4.78
N TYR B 90 -29.56 18.22 4.68
CA TYR B 90 -30.37 18.10 3.47
C TYR B 90 -29.95 19.27 2.60
N VAL B 91 -29.75 19.00 1.32
CA VAL B 91 -29.37 20.01 0.35
C VAL B 91 -30.20 19.86 -0.91
N ASP B 92 -30.63 20.99 -1.47
CA ASP B 92 -31.62 21.03 -2.55
C ASP B 92 -30.93 20.87 -3.87
N GLY B 93 -31.46 19.94 -4.67
CA GLY B 93 -31.07 19.84 -6.07
C GLY B 93 -31.75 20.92 -6.90
N TYR B 94 -31.59 20.77 -8.21
CA TYR B 94 -32.16 21.69 -9.20
C TYR B 94 -33.69 21.50 -9.28
N ASN B 95 -34.43 22.57 -9.00
CA ASN B 95 -35.87 22.58 -8.64
C ASN B 95 -36.43 21.30 -7.96
N ARG B 96 -35.58 20.69 -7.13
CA ARG B 96 -35.89 19.46 -6.40
C ARG B 96 -35.39 19.73 -4.97
N PRO B 97 -36.29 20.12 -4.05
CA PRO B 97 -35.87 20.48 -2.67
C PRO B 97 -35.62 19.27 -1.78
N LYS B 98 -34.70 19.41 -0.82
CA LYS B 98 -34.39 18.35 0.16
C LYS B 98 -34.04 17.03 -0.54
N ALA B 99 -33.22 17.12 -1.59
CA ALA B 99 -32.95 16.00 -2.50
C ALA B 99 -31.83 15.12 -2.02
N TYR B 100 -30.68 15.74 -1.77
CA TYR B 100 -29.49 15.04 -1.33
C TYR B 100 -29.48 15.03 0.18
N ILE B 101 -28.63 14.20 0.78
CA ILE B 101 -28.25 14.36 2.18
C ILE B 101 -26.73 14.44 2.22
N ALA B 102 -26.21 15.66 2.22
CA ALA B 102 -24.77 15.93 2.23
C ALA B 102 -24.22 15.68 3.62
N ALA B 103 -23.39 14.64 3.74
CA ALA B 103 -22.97 14.07 5.03
C ALA B 103 -21.47 13.79 5.06
N GLN B 104 -20.88 13.86 6.25
CA GLN B 104 -19.48 13.53 6.44
C GLN B 104 -19.26 12.03 6.36
N GLY B 105 -17.99 11.63 6.22
CA GLY B 105 -17.61 10.22 6.19
C GLY B 105 -17.70 9.58 7.57
N PRO B 106 -18.48 8.48 7.72
CA PRO B 106 -18.73 7.90 9.04
C PRO B 106 -17.48 7.40 9.73
N LEU B 107 -17.45 7.60 11.05
CA LEU B 107 -16.39 7.10 11.93
C LEU B 107 -16.94 5.77 12.50
N LYS B 108 -16.13 4.98 13.19
CA LYS B 108 -16.68 3.75 13.81
C LYS B 108 -17.74 4.09 14.89
N SER B 109 -17.56 5.22 15.59
CA SER B 109 -18.55 5.66 16.59
C SER B 109 -19.89 6.07 15.98
N THR B 110 -19.88 6.60 14.75
CA THR B 110 -21.11 7.08 14.09
C THR B 110 -21.63 6.17 12.95
N ALA B 111 -21.13 4.94 12.89
CA ALA B 111 -21.48 4.03 11.80
C ALA B 111 -22.96 3.65 11.90
N GLU B 112 -23.38 3.26 13.10
CA GLU B 112 -24.78 2.90 13.38
C GLU B 112 -25.73 4.03 12.99
N ASP B 113 -25.49 5.21 13.58
CA ASP B 113 -26.29 6.43 13.36
C ASP B 113 -26.51 6.65 11.85
N PHE B 114 -25.41 6.51 11.12
CA PHE B 114 -25.41 6.58 9.65
C PHE B 114 -26.33 5.54 9.00
N TRP B 115 -26.35 4.31 9.51
CA TRP B 115 -27.30 3.30 8.99
C TRP B 115 -28.74 3.60 9.44
N ARG B 116 -28.91 4.16 10.63
CA ARG B 116 -30.24 4.57 11.09
C ARG B 116 -30.76 5.70 10.24
N MET B 117 -29.90 6.68 9.99
CA MET B 117 -30.21 7.74 9.04
C MET B 117 -30.82 7.14 7.75
N ILE B 118 -30.12 6.18 7.17
CA ILE B 118 -30.57 5.47 5.96
C ILE B 118 -31.97 4.89 6.14
N TRP B 119 -32.18 4.19 7.25
CA TRP B 119 -33.48 3.57 7.54
C TRP B 119 -34.59 4.59 7.80
N GLU B 120 -34.25 5.60 8.60
CA GLU B 120 -35.22 6.61 9.00
C GLU B 120 -35.60 7.62 7.89
N HIS B 121 -34.70 7.85 6.94
CA HIS B 121 -34.97 8.78 5.82
C HIS B 121 -35.26 8.12 4.49
N ASN B 122 -35.47 6.81 4.49
CA ASN B 122 -35.90 6.05 3.29
C ASN B 122 -34.86 6.10 2.15
N VAL B 123 -33.58 6.09 2.52
CA VAL B 123 -32.49 6.24 1.54
C VAL B 123 -32.24 4.88 0.87
N GLU B 124 -32.10 4.92 -0.45
CA GLU B 124 -31.73 3.78 -1.27
C GLU B 124 -30.35 3.94 -1.94
N VAL B 125 -29.90 5.17 -2.13
CA VAL B 125 -28.66 5.47 -2.83
C VAL B 125 -27.63 6.14 -1.92
N ILE B 126 -26.38 5.68 -1.98
CA ILE B 126 -25.28 6.32 -1.28
C ILE B 126 -24.14 6.55 -2.25
N VAL B 127 -23.61 7.77 -2.23
CA VAL B 127 -22.62 8.22 -3.17
C VAL B 127 -21.39 8.55 -2.36
N MET B 128 -20.34 7.78 -2.57
CA MET B 128 -19.12 7.86 -1.80
C MET B 128 -18.05 8.36 -2.74
N ILE B 129 -17.57 9.56 -2.49
CA ILE B 129 -16.48 10.15 -3.24
C ILE B 129 -15.28 10.27 -2.28
N THR B 130 -14.76 9.12 -1.86
CA THR B 130 -13.48 9.00 -1.13
C THR B 130 -13.13 7.55 -0.85
N ASN B 131 -11.84 7.32 -0.58
CA ASN B 131 -11.36 6.01 -0.14
C ASN B 131 -11.32 6.02 1.39
N LEU B 132 -11.26 4.83 1.98
CA LEU B 132 -11.13 4.68 3.42
C LEU B 132 -9.78 5.21 3.91
N VAL B 133 -8.73 4.99 3.10
CA VAL B 133 -7.36 5.44 3.39
C VAL B 133 -6.75 6.05 2.11
N GLU B 134 -6.01 7.14 2.30
CA GLU B 134 -5.42 7.92 1.21
C GLU B 134 -4.04 8.42 1.60
N LYS B 135 -3.01 7.78 1.06
CA LYS B 135 -1.61 8.04 1.42
C LYS B 135 -1.46 8.00 2.92
N GLY B 136 -1.93 6.89 3.48
CA GLY B 136 -1.80 6.60 4.88
C GLY B 136 -2.68 7.35 5.85
N ARG B 137 -3.67 8.09 5.37
CA ARG B 137 -4.56 8.85 6.26
C ARG B 137 -5.92 8.22 6.34
N ARG B 138 -6.47 8.14 7.55
CA ARG B 138 -7.83 7.68 7.71
C ARG B 138 -8.71 8.85 7.27
N LYS B 139 -9.39 8.67 6.13
CA LYS B 139 -10.37 9.62 5.60
C LYS B 139 -11.83 9.21 5.92
N CYS B 140 -12.08 7.91 6.03
CA CYS B 140 -13.42 7.40 6.26
C CYS B 140 -13.33 5.97 6.81
N ASP B 141 -14.17 5.63 7.80
CA ASP B 141 -14.20 4.29 8.40
C ASP B 141 -15.17 3.38 7.64
N GLN B 142 -14.77 2.12 7.46
CA GLN B 142 -15.55 1.20 6.66
C GLN B 142 -16.85 0.85 7.37
N TYR B 143 -17.96 1.41 6.88
CA TYR B 143 -19.26 1.27 7.55
C TYR B 143 -20.10 0.11 6.99
N TRP B 144 -19.48 -0.86 6.33
CA TRP B 144 -20.22 -1.94 5.70
C TRP B 144 -19.37 -3.20 5.69
N PRO B 145 -19.98 -4.35 5.37
CA PRO B 145 -19.23 -5.59 5.42
C PRO B 145 -18.58 -5.98 4.08
N THR B 146 -17.29 -6.38 4.14
CA THR B 146 -16.66 -7.12 3.04
C THR B 146 -17.18 -8.57 3.04
N ASP B 147 -17.31 -9.14 4.23
CA ASP B 147 -17.86 -10.50 4.40
C ASP B 147 -19.38 -10.44 4.37
N GLY B 148 -20.04 -11.57 4.12
CA GLY B 148 -21.52 -11.66 4.11
C GLY B 148 -22.31 -10.57 4.82
N SER B 149 -22.33 -10.59 6.16
CA SER B 149 -23.07 -9.61 6.97
C SER B 149 -22.26 -9.01 8.12
N GLU B 150 -22.72 -7.84 8.58
CA GLU B 150 -22.27 -7.13 9.82
C GLU B 150 -23.46 -6.38 10.41
N GLU B 151 -23.40 -5.96 11.67
CA GLU B 151 -24.56 -5.26 12.30
C GLU B 151 -24.40 -3.74 12.51
N LEU B 156 -28.93 -4.22 10.50
CA LEU B 156 -28.28 -5.40 9.95
C LEU B 156 -28.00 -5.18 8.47
N VAL B 157 -26.72 -5.08 8.12
CA VAL B 157 -26.30 -4.86 6.74
C VAL B 157 -25.77 -6.18 6.20
N ASN B 158 -26.44 -6.73 5.18
CA ASN B 158 -26.00 -7.95 4.52
C ASN B 158 -25.73 -7.58 3.07
N GLN B 159 -24.46 -7.66 2.68
CA GLN B 159 -24.04 -7.31 1.31
C GLN B 159 -24.36 -8.41 0.29
N LYS B 160 -25.09 -8.03 -0.76
CA LYS B 160 -25.47 -8.94 -1.84
C LYS B 160 -24.43 -9.03 -2.94
N ASN B 161 -24.27 -7.94 -3.70
CA ASN B 161 -23.49 -7.93 -4.95
C ASN B 161 -22.40 -6.86 -4.88
N VAL B 162 -21.30 -7.09 -5.61
CA VAL B 162 -20.22 -6.10 -5.79
C VAL B 162 -19.67 -6.11 -7.22
N GLN B 163 -19.49 -4.90 -7.75
CA GLN B 163 -18.90 -4.66 -9.07
C GLN B 163 -17.79 -3.64 -8.88
N VAL B 164 -16.59 -3.97 -9.33
CA VAL B 164 -15.42 -3.11 -9.20
C VAL B 164 -14.91 -2.68 -10.59
N LEU B 165 -14.99 -1.40 -10.88
CA LEU B 165 -14.62 -0.85 -12.19
C LEU B 165 -13.53 0.20 -12.05
N ALA B 166 -12.94 0.57 -13.18
CA ALA B 166 -11.75 1.44 -13.21
C ALA B 166 -11.80 2.57 -12.20
N TYR B 167 -12.86 3.38 -12.27
CA TYR B 167 -13.02 4.61 -11.47
C TYR B 167 -14.11 4.60 -10.40
N TYR B 168 -14.99 3.60 -10.43
CA TYR B 168 -15.94 3.42 -9.34
C TYR B 168 -16.23 1.95 -9.04
N THR B 169 -17.04 1.72 -7.99
CA THR B 169 -17.34 0.39 -7.51
C THR B 169 -18.74 0.38 -6.94
N VAL B 170 -19.61 -0.46 -7.51
CA VAL B 170 -21.00 -0.52 -7.08
C VAL B 170 -21.17 -1.68 -6.13
N ARG B 171 -21.88 -1.43 -5.02
CA ARG B 171 -22.14 -2.46 -4.00
C ARG B 171 -23.61 -2.46 -3.68
N ASN B 172 -24.21 -3.64 -3.68
CA ASN B 172 -25.62 -3.78 -3.39
C ASN B 172 -25.78 -4.40 -2.04
N PHE B 173 -26.35 -3.62 -1.12
CA PHE B 173 -26.63 -4.07 0.23
C PHE B 173 -28.12 -4.23 0.43
N THR B 174 -28.47 -4.87 1.54
CA THR B 174 -29.84 -4.96 2.03
C THR B 174 -29.81 -4.58 3.50
N LEU B 175 -30.94 -4.05 3.97
CA LEU B 175 -31.03 -3.45 5.30
C LEU B 175 -32.26 -3.97 6.08
N ARG B 176 -32.07 -4.33 7.35
CA ARG B 176 -33.19 -4.65 8.23
C ARG B 176 -33.08 -3.85 9.53
N ASN B 177 -34.22 -3.41 10.03
CA ASN B 177 -34.37 -2.88 11.38
C ASN B 177 -34.49 -4.08 12.32
N THR B 178 -33.44 -4.35 13.10
CA THR B 178 -33.30 -5.55 13.95
C THR B 178 -34.60 -6.19 14.48
N ARG B 192 -34.95 -4.21 2.87
CA ARG B 192 -34.86 -3.13 1.91
C ARG B 192 -33.51 -3.15 1.20
N LEU B 193 -33.51 -2.93 -0.11
CA LEU B 193 -32.29 -2.90 -0.92
C LEU B 193 -31.71 -1.48 -0.96
N VAL B 194 -30.39 -1.38 -0.81
CA VAL B 194 -29.64 -0.10 -0.80
C VAL B 194 -28.38 -0.27 -1.62
N THR B 195 -28.06 0.72 -2.45
CA THR B 195 -26.97 0.60 -3.39
C THR B 195 -25.98 1.74 -3.20
N GLN B 196 -24.70 1.38 -3.07
CA GLN B 196 -23.60 2.28 -2.76
C GLN B 196 -22.79 2.47 -4.05
N TYR B 197 -22.34 3.70 -4.27
CA TYR B 197 -21.66 4.09 -5.50
C TYR B 197 -20.35 4.75 -5.15
N HIS B 198 -19.28 3.99 -5.31
CA HIS B 198 -17.99 4.33 -4.72
C HIS B 198 -17.03 4.94 -5.73
N TYR B 199 -16.95 6.27 -5.81
CA TYR B 199 -15.98 6.86 -6.74
C TYR B 199 -14.63 6.70 -6.09
N THR B 200 -13.85 5.78 -6.66
CA THR B 200 -12.64 5.30 -6.01
C THR B 200 -11.38 6.08 -6.35
N GLN B 201 -11.21 6.50 -7.61
CA GLN B 201 -9.92 7.04 -8.08
C GLN B 201 -9.68 8.55 -7.86
N TRP B 202 -10.46 9.19 -7.01
CA TRP B 202 -10.29 10.64 -6.74
C TRP B 202 -8.96 10.92 -6.07
N PRO B 203 -8.15 11.85 -6.62
CA PRO B 203 -6.76 12.05 -6.17
C PRO B 203 -6.64 12.67 -4.79
N ASP B 204 -5.52 12.42 -4.12
CA ASP B 204 -5.40 12.56 -2.66
C ASP B 204 -5.44 13.99 -2.13
N MET B 205 -4.98 14.95 -2.93
CA MET B 205 -5.32 16.38 -2.77
C MET B 205 -5.57 16.91 -4.17
N GLY B 206 -6.39 17.95 -4.29
CA GLY B 206 -6.67 18.60 -5.58
C GLY B 206 -7.77 17.89 -6.34
N VAL B 207 -7.88 18.17 -7.64
CA VAL B 207 -8.98 17.61 -8.47
C VAL B 207 -8.47 16.58 -9.47
N PRO B 208 -9.34 15.64 -9.90
CA PRO B 208 -8.97 14.69 -10.95
C PRO B 208 -8.43 15.41 -12.15
N GLU B 209 -7.27 14.98 -12.62
CA GLU B 209 -6.66 15.56 -13.80
C GLU B 209 -7.62 15.47 -15.03
N TYR B 210 -8.41 14.41 -15.10
CA TYR B 210 -9.46 14.26 -16.12
C TYR B 210 -10.87 14.42 -15.53
N SER B 211 -11.67 15.23 -16.21
CA SER B 211 -13.08 15.41 -15.84
C SER B 211 -13.96 14.36 -16.49
N LEU B 212 -13.44 13.69 -17.51
CA LEU B 212 -14.26 12.79 -18.31
C LEU B 212 -14.80 11.56 -17.57
N PRO B 213 -13.98 10.93 -16.70
CA PRO B 213 -14.47 9.80 -15.87
C PRO B 213 -15.40 10.17 -14.70
N VAL B 214 -15.13 11.28 -14.01
CA VAL B 214 -16.03 11.79 -12.96
C VAL B 214 -17.41 11.98 -13.56
N LEU B 215 -17.45 12.71 -14.68
CA LEU B 215 -18.65 12.90 -15.51
C LEU B 215 -19.48 11.62 -15.58
N ALA B 216 -18.85 10.57 -16.13
CA ALA B 216 -19.51 9.31 -16.44
C ALA B 216 -20.03 8.65 -15.18
N PHE B 217 -19.27 8.79 -14.10
CA PHE B 217 -19.69 8.31 -12.79
C PHE B 217 -21.02 8.94 -12.43
N VAL B 218 -21.09 10.27 -12.47
CA VAL B 218 -22.29 11.01 -12.09
C VAL B 218 -23.46 10.63 -12.97
N ARG B 219 -23.22 10.59 -14.28
CA ARG B 219 -24.18 10.05 -15.26
C ARG B 219 -24.65 8.63 -14.94
N LYS B 220 -23.73 7.77 -14.53
CA LYS B 220 -24.06 6.39 -14.10
C LYS B 220 -24.90 6.38 -12.83
N THR B 221 -24.55 7.19 -11.84
CA THR B 221 -25.35 7.27 -10.62
C THR B 221 -26.69 7.93 -10.91
N ALA B 222 -26.64 9.04 -11.65
CA ALA B 222 -27.83 9.85 -11.99
C ALA B 222 -28.93 9.06 -12.68
N GLN B 223 -28.53 8.08 -13.48
CA GLN B 223 -29.47 7.22 -14.20
C GLN B 223 -30.15 6.22 -13.27
N ALA B 224 -29.36 5.51 -12.48
CA ALA B 224 -29.91 4.59 -11.48
C ALA B 224 -30.74 5.33 -10.42
N LYS B 225 -30.23 6.47 -9.94
CA LYS B 225 -30.94 7.31 -8.95
C LYS B 225 -32.28 7.89 -9.44
N ARG B 226 -32.45 8.03 -10.75
CA ARG B 226 -33.67 8.57 -11.38
C ARG B 226 -35.04 7.95 -10.96
N HIS B 227 -35.05 6.72 -10.45
CA HIS B 227 -36.30 6.09 -9.89
C HIS B 227 -36.15 5.64 -8.43
N ALA B 228 -35.36 6.39 -7.66
CA ALA B 228 -35.32 6.29 -6.19
C ALA B 228 -36.21 7.39 -5.64
N VAL B 229 -36.99 7.06 -4.62
CA VAL B 229 -38.07 7.94 -4.15
C VAL B 229 -37.60 8.85 -3.02
N GLY B 230 -36.82 8.31 -2.09
CA GLY B 230 -36.25 9.08 -0.99
C GLY B 230 -35.10 9.97 -1.45
N PRO B 231 -34.31 10.49 -0.50
CA PRO B 231 -33.16 11.29 -0.82
C PRO B 231 -31.93 10.43 -1.06
N VAL B 232 -30.93 11.01 -1.73
CA VAL B 232 -29.64 10.37 -1.99
C VAL B 232 -28.61 10.86 -0.97
N VAL B 233 -27.95 9.95 -0.26
CA VAL B 233 -26.90 10.34 0.69
C VAL B 233 -25.60 10.44 -0.06
N VAL B 234 -24.84 11.49 0.21
CA VAL B 234 -23.58 11.72 -0.47
C VAL B 234 -22.52 12.04 0.59
N HIS B 235 -21.33 11.45 0.48
CA HIS B 235 -20.27 11.72 1.45
C HIS B 235 -18.88 11.63 0.88
N CYS B 236 -17.97 12.34 1.55
CA CYS B 236 -16.53 12.26 1.30
C CYS B 236 -15.90 12.04 2.67
N SER B 237 -14.79 12.72 3.02
CA SER B 237 -14.24 12.63 4.39
C SER B 237 -14.95 13.63 5.27
N ALA B 238 -14.79 14.89 4.92
CA ALA B 238 -15.35 15.98 5.74
C ALA B 238 -16.82 16.18 5.45
N GLY B 239 -17.22 15.98 4.19
CA GLY B 239 -18.60 16.16 3.76
C GLY B 239 -18.85 17.53 3.14
N VAL B 240 -17.86 18.11 2.48
CA VAL B 240 -17.94 19.50 2.03
C VAL B 240 -17.51 19.71 0.57
N GLY B 241 -16.23 19.57 0.28
CA GLY B 241 -15.74 19.82 -1.05
C GLY B 241 -16.25 18.79 -2.02
N ARG B 242 -15.68 17.59 -1.91
CA ARG B 242 -15.98 16.49 -2.85
C ARG B 242 -17.48 16.26 -2.98
N THR B 243 -18.13 16.11 -1.82
CA THR B 243 -19.59 15.89 -1.70
C THR B 243 -20.34 17.00 -2.44
N GLY B 244 -20.11 18.25 -2.02
CA GLY B 244 -20.61 19.45 -2.70
C GLY B 244 -20.41 19.49 -4.21
N THR B 245 -19.19 19.14 -4.65
CA THR B 245 -18.84 19.08 -6.09
C THR B 245 -19.67 18.07 -6.89
N TYR B 246 -20.09 16.96 -6.28
CA TYR B 246 -21.04 16.05 -6.93
C TYR B 246 -22.40 16.71 -7.08
N ILE B 247 -22.91 17.25 -5.97
CA ILE B 247 -24.25 17.87 -5.91
C ILE B 247 -24.43 18.99 -6.94
N VAL B 248 -23.38 19.78 -7.17
CA VAL B 248 -23.43 20.79 -8.21
C VAL B 248 -23.41 20.09 -9.58
N LEU B 249 -22.45 19.16 -9.79
CA LEU B 249 -22.29 18.43 -11.07
C LEU B 249 -23.48 17.59 -11.49
N ASP B 250 -24.19 17.00 -10.53
CA ASP B 250 -25.36 16.19 -10.85
C ASP B 250 -26.53 17.06 -11.23
N SER B 251 -26.79 18.07 -10.42
CA SER B 251 -27.94 18.98 -10.55
C SER B 251 -27.87 19.88 -11.79
N MET B 252 -26.70 20.47 -12.03
CA MET B 252 -26.49 21.23 -13.25
C MET B 252 -26.70 20.35 -14.49
N LEU B 253 -26.15 19.13 -14.46
CA LEU B 253 -26.42 18.12 -15.52
C LEU B 253 -27.89 18.05 -15.89
N GLN B 254 -28.74 17.95 -14.86
CA GLN B 254 -30.20 17.92 -15.01
C GLN B 254 -30.75 19.24 -15.53
N GLN B 255 -30.19 20.35 -15.09
CA GLN B 255 -30.55 21.63 -15.66
C GLN B 255 -30.29 21.62 -17.16
N ILE B 256 -29.08 21.24 -17.57
CA ILE B 256 -28.74 21.18 -18.99
C ILE B 256 -29.73 20.31 -19.80
N GLN B 257 -30.14 19.18 -19.26
CA GLN B 257 -31.04 18.27 -19.99
C GLN B 257 -32.44 18.86 -20.15
N HIS B 258 -33.01 19.38 -19.06
CA HIS B 258 -34.39 19.84 -19.06
C HIS B 258 -34.53 21.29 -19.52
N GLU B 259 -33.65 22.16 -19.01
CA GLU B 259 -33.73 23.61 -19.22
C GLU B 259 -32.80 24.18 -20.28
N GLY B 260 -31.69 23.52 -20.53
CA GLY B 260 -30.73 23.99 -21.52
C GLY B 260 -29.91 25.16 -21.02
N THR B 261 -29.82 25.28 -19.70
CA THR B 261 -29.10 26.36 -19.06
C THR B 261 -28.24 25.74 -17.96
N VAL B 262 -27.42 26.58 -17.33
CA VAL B 262 -26.46 26.13 -16.31
C VAL B 262 -26.03 27.32 -15.45
N ASN B 263 -26.32 27.25 -14.15
CA ASN B 263 -25.98 28.30 -13.21
C ASN B 263 -25.33 27.71 -11.95
N ILE B 264 -24.00 27.58 -12.01
CA ILE B 264 -23.22 27.01 -10.92
C ILE B 264 -23.17 28.01 -9.77
N PHE B 265 -22.66 29.21 -10.06
CA PHE B 265 -22.50 30.29 -9.09
C PHE B 265 -23.82 30.60 -8.38
N GLY B 266 -24.89 30.71 -9.16
CA GLY B 266 -26.23 30.87 -8.61
C GLY B 266 -26.53 29.73 -7.68
N PHE B 267 -26.66 28.53 -8.27
CA PHE B 267 -27.04 27.29 -7.54
C PHE B 267 -26.15 27.06 -6.33
N LEU B 268 -24.85 27.29 -6.47
CA LEU B 268 -23.89 27.07 -5.38
C LEU B 268 -24.14 27.99 -4.18
N LYS B 269 -24.27 29.29 -4.45
CA LYS B 269 -24.55 30.28 -3.40
C LYS B 269 -25.75 29.88 -2.54
N HIS B 270 -26.74 29.23 -3.15
CA HIS B 270 -27.93 28.76 -2.44
C HIS B 270 -27.59 27.64 -1.46
N ILE B 271 -27.06 26.54 -1.98
CA ILE B 271 -26.79 25.35 -1.14
C ILE B 271 -25.75 25.62 -0.03
N ARG B 272 -24.81 26.53 -0.27
CA ARG B 272 -23.90 27.04 0.79
C ARG B 272 -24.63 27.59 2.03
N SER B 273 -25.91 27.92 1.88
CA SER B 273 -26.83 28.15 3.01
C SER B 273 -27.20 26.86 3.76
N GLN B 274 -27.48 25.78 3.03
CA GLN B 274 -27.82 24.50 3.65
C GLN B 274 -26.64 23.78 4.30
N ARG B 275 -25.44 23.90 3.73
CA ARG B 275 -24.23 23.34 4.37
C ARG B 275 -22.97 24.16 4.05
N ASN B 276 -22.19 24.40 5.09
CA ASN B 276 -20.88 25.06 5.00
C ASN B 276 -19.86 24.46 3.99
N TYR B 277 -19.04 25.34 3.42
CA TYR B 277 -17.88 24.96 2.58
C TYR B 277 -18.11 23.95 1.43
N LEU B 278 -19.37 23.78 1.01
CA LEU B 278 -19.68 22.98 -0.17
C LEU B 278 -18.93 23.54 -1.38
N VAL B 279 -18.20 22.66 -2.07
CA VAL B 279 -17.18 23.05 -3.04
C VAL B 279 -16.14 23.93 -2.31
N GLN B 280 -15.17 23.27 -1.67
CA GLN B 280 -14.33 23.90 -0.66
C GLN B 280 -13.19 24.68 -1.27
N THR B 281 -12.57 24.17 -2.32
CA THR B 281 -11.42 24.85 -2.93
C THR B 281 -11.84 25.58 -4.17
N GLU B 282 -10.95 26.44 -4.63
CA GLU B 282 -11.07 27.11 -5.91
C GLU B 282 -10.95 26.10 -7.05
N GLU B 283 -9.93 25.24 -6.98
CA GLU B 283 -9.74 24.11 -7.93
C GLU B 283 -10.97 23.27 -8.22
N GLN B 284 -11.77 22.99 -7.19
CA GLN B 284 -13.05 22.28 -7.36
C GLN B 284 -14.06 23.11 -8.17
N TYR B 285 -14.20 24.40 -7.80
CA TYR B 285 -15.06 25.37 -8.50
C TYR B 285 -14.77 25.41 -9.99
N VAL B 286 -13.48 25.60 -10.30
CA VAL B 286 -12.95 25.57 -11.67
C VAL B 286 -13.25 24.22 -12.34
N PHE B 287 -12.94 23.14 -11.63
CA PHE B 287 -13.12 21.78 -12.13
C PHE B 287 -14.56 21.44 -12.54
N ILE B 288 -15.52 21.89 -11.73
CA ILE B 288 -16.96 21.75 -12.07
C ILE B 288 -17.25 22.35 -13.45
N HIS B 289 -16.68 23.54 -13.69
CA HIS B 289 -16.92 24.23 -14.94
C HIS B 289 -16.40 23.41 -16.09
N ASP B 290 -15.12 23.08 -16.04
CA ASP B 290 -14.50 22.36 -17.12
C ASP B 290 -15.22 21.06 -17.39
N THR B 291 -15.53 20.34 -16.33
CA THR B 291 -16.26 19.07 -16.45
C THR B 291 -17.58 19.25 -17.22
N LEU B 292 -18.38 20.23 -16.78
CA LEU B 292 -19.67 20.54 -17.39
C LEU B 292 -19.54 21.03 -18.83
N VAL B 293 -18.52 21.85 -19.10
CA VAL B 293 -18.20 22.21 -20.48
C VAL B 293 -18.05 20.95 -21.35
N GLU B 294 -17.22 20.01 -20.90
CA GLU B 294 -17.01 18.72 -21.58
C GLU B 294 -18.33 17.97 -21.81
N ALA B 295 -19.21 17.99 -20.81
CA ALA B 295 -20.52 17.34 -20.90
C ALA B 295 -21.43 17.97 -21.96
N ILE B 296 -21.44 19.29 -22.00
CA ILE B 296 -22.24 20.02 -22.98
C ILE B 296 -21.80 19.65 -24.41
N LEU B 297 -20.50 19.72 -24.68
CA LEU B 297 -19.94 19.45 -26.01
C LEU B 297 -19.92 17.96 -26.40
N SER B 298 -19.88 17.07 -25.41
CA SER B 298 -19.93 15.61 -25.63
C SER B 298 -21.37 15.11 -25.85
N LYS B 299 -22.36 15.73 -25.19
CA LYS B 299 -23.69 15.13 -25.03
C LYS B 299 -23.49 13.71 -24.43
N GLU B 300 -24.55 12.91 -24.27
CA GLU B 300 -24.38 11.50 -23.91
C GLU B 300 -23.87 10.79 -25.17
N THR B 301 -22.71 10.12 -25.02
CA THR B 301 -22.04 9.37 -26.10
C THR B 301 -21.94 7.89 -25.78
N GLU B 302 -22.60 7.44 -24.73
CA GLU B 302 -22.74 6.02 -24.46
C GLU B 302 -23.97 5.50 -25.20
N VAL B 303 -23.76 4.55 -26.10
CA VAL B 303 -24.82 3.99 -26.95
C VAL B 303 -25.20 2.57 -26.49
N PRO B 304 -26.50 2.27 -26.30
CA PRO B 304 -26.93 0.89 -26.05
C PRO B 304 -26.77 -0.07 -27.25
N ASP B 305 -27.12 -1.34 -27.05
CA ASP B 305 -27.20 -2.34 -28.12
C ASP B 305 -28.17 -1.94 -29.23
N SER B 306 -29.37 -1.56 -28.79
CA SER B 306 -30.45 -1.23 -29.69
C SER B 306 -30.09 -0.10 -30.66
N HIS B 307 -29.33 0.89 -30.22
CA HIS B 307 -29.16 2.12 -30.99
C HIS B 307 -27.78 2.32 -31.65
N ILE B 308 -26.95 1.26 -31.80
CA ILE B 308 -25.61 1.44 -32.41
C ILE B 308 -25.80 1.95 -33.83
N HIS B 309 -26.79 1.37 -34.51
CA HIS B 309 -26.98 1.60 -35.92
C HIS B 309 -27.49 3.01 -36.16
N SER B 310 -28.57 3.36 -35.46
CA SER B 310 -29.10 4.72 -35.47
C SER B 310 -28.04 5.79 -35.09
N TYR B 311 -27.17 5.49 -34.12
CA TYR B 311 -26.12 6.45 -33.74
C TYR B 311 -25.01 6.52 -34.77
N VAL B 312 -24.54 5.38 -35.28
CA VAL B 312 -23.33 5.36 -36.12
C VAL B 312 -23.56 6.10 -37.45
N ASN B 313 -24.78 6.08 -37.96
CA ASN B 313 -25.10 6.89 -39.12
C ASN B 313 -25.12 8.37 -38.74
N THR B 314 -25.85 8.76 -37.70
CA THR B 314 -25.97 10.18 -37.30
C THR B 314 -24.62 10.93 -37.29
N LEU B 315 -23.53 10.21 -37.08
CA LEU B 315 -22.18 10.80 -37.08
C LEU B 315 -21.67 11.39 -38.38
N LEU B 316 -22.26 11.06 -39.53
CA LEU B 316 -21.69 11.42 -40.82
C LEU B 316 -22.74 11.94 -41.78
N LYS B 323 -18.56 20.06 -38.91
CA LYS B 323 -19.92 19.82 -39.40
C LYS B 323 -20.52 18.56 -38.78
N THR B 324 -20.10 17.39 -39.24
CA THR B 324 -20.59 16.09 -38.79
C THR B 324 -20.23 15.79 -37.32
N LYS B 325 -21.07 15.00 -36.64
CA LYS B 325 -20.77 14.53 -35.27
C LYS B 325 -19.41 13.83 -35.19
N LEU B 326 -18.99 13.16 -36.25
CA LEU B 326 -17.66 12.55 -36.29
C LEU B 326 -16.56 13.61 -36.19
N GLU B 327 -16.64 14.63 -37.05
CA GLU B 327 -15.72 15.77 -36.99
C GLU B 327 -15.87 16.50 -35.64
N LYS B 328 -17.12 16.75 -35.23
CA LYS B 328 -17.43 17.43 -33.97
C LYS B 328 -16.82 16.68 -32.78
N GLN B 329 -17.06 15.37 -32.69
CA GLN B 329 -16.44 14.51 -31.64
C GLN B 329 -14.92 14.42 -31.81
N PHE B 330 -14.46 14.18 -33.03
CA PHE B 330 -13.03 14.03 -33.26
C PHE B 330 -12.23 15.21 -32.71
N GLN B 331 -12.70 16.40 -33.03
CA GLN B 331 -12.05 17.63 -32.55
C GLN B 331 -11.87 17.57 -31.05
N LEU B 332 -12.86 17.04 -30.36
CA LEU B 332 -12.84 17.01 -28.90
C LEU B 332 -11.79 16.04 -28.33
N LEU B 333 -11.48 14.95 -29.02
CA LEU B 333 -10.37 14.07 -28.56
C LEU B 333 -9.06 14.82 -28.44
N SER B 334 -8.81 15.74 -29.40
CA SER B 334 -7.62 16.61 -29.45
C SER B 334 -7.76 17.84 -28.53
N GLN B 335 -7.26 17.69 -27.31
CA GLN B 335 -7.50 18.63 -26.21
C GLN B 335 -6.29 18.66 -25.25
N SER B 341 -8.52 21.21 -20.80
CA SER B 341 -7.93 22.43 -20.26
C SER B 341 -6.90 22.19 -19.11
N ASP B 342 -6.14 21.09 -19.17
CA ASP B 342 -5.03 20.82 -18.21
C ASP B 342 -3.65 21.28 -18.78
N TYR B 343 -2.54 20.62 -18.44
CA TYR B 343 -1.19 20.94 -19.01
C TYR B 343 -0.39 19.69 -19.33
N SER B 344 0.82 19.86 -19.88
CA SER B 344 1.64 18.75 -20.34
C SER B 344 3.13 18.99 -20.07
N THR B 345 3.83 17.99 -19.54
CA THR B 345 5.31 18.03 -19.41
C THR B 345 5.96 16.72 -19.83
N ALA B 346 6.69 16.79 -20.94
CA ALA B 346 7.49 15.68 -21.44
C ALA B 346 8.99 15.91 -21.13
N LEU B 347 9.66 14.82 -20.74
CA LEU B 347 11.12 14.80 -20.55
C LEU B 347 11.62 13.73 -21.53
N LYS B 348 12.39 14.00 -22.58
CA LYS B 348 13.42 15.05 -22.81
C LYS B 348 14.72 14.76 -22.07
N GLN B 349 15.49 15.79 -21.70
CA GLN B 349 16.74 15.60 -20.97
C GLN B 349 17.87 14.98 -21.85
N CYS B 350 18.96 14.60 -21.19
CA CYS B 350 19.99 13.77 -21.78
C CYS B 350 19.73 12.26 -21.54
N ASN B 351 18.47 11.91 -21.26
CA ASN B 351 17.95 10.53 -21.35
C ASN B 351 16.91 10.44 -22.49
N ARG B 352 16.84 11.49 -23.32
CA ARG B 352 16.12 11.50 -24.59
C ARG B 352 16.67 10.45 -25.57
N GLU B 353 17.91 10.02 -25.37
CA GLU B 353 18.52 8.93 -26.14
C GLU B 353 17.95 7.53 -25.83
N LYS B 354 16.84 7.45 -25.08
CA LYS B 354 16.09 6.21 -24.84
C LYS B 354 14.67 6.16 -25.51
N ASN B 355 14.42 7.04 -26.48
CA ASN B 355 13.17 7.03 -27.23
C ASN B 355 13.47 6.90 -28.72
N ARG B 356 12.54 6.34 -29.49
CA ARG B 356 12.67 6.27 -30.96
C ARG B 356 12.36 7.61 -31.64
N THR B 357 11.19 8.15 -31.29
CA THR B 357 10.72 9.43 -31.81
C THR B 357 10.11 10.22 -30.66
N ILE B 360 5.99 10.31 -30.27
CA ILE B 360 5.14 9.66 -29.28
C ILE B 360 5.93 9.43 -27.99
N ILE B 361 5.63 10.25 -26.99
CA ILE B 361 6.46 10.45 -25.79
C ILE B 361 5.56 10.67 -24.53
N PRO B 362 5.84 9.96 -23.41
CA PRO B 362 4.86 9.99 -22.30
C PRO B 362 4.70 11.36 -21.65
N VAL B 363 3.52 11.62 -21.08
CA VAL B 363 3.24 12.82 -20.31
C VAL B 363 3.25 12.38 -18.84
N GLU B 364 3.66 13.29 -17.95
CA GLU B 364 3.90 12.96 -16.53
C GLU B 364 2.70 12.38 -15.79
N ARG B 365 1.50 12.81 -16.19
CA ARG B 365 0.24 12.29 -15.63
C ARG B 365 0.25 10.78 -15.69
N SER B 366 0.44 10.29 -16.91
CA SER B 366 0.36 8.87 -17.24
C SER B 366 1.72 8.17 -17.31
N ARG B 367 2.83 8.86 -17.04
CA ARG B 367 4.17 8.30 -17.30
C ARG B 367 4.50 7.11 -16.41
N VAL B 368 4.96 6.01 -17.02
CA VAL B 368 5.22 4.77 -16.28
C VAL B 368 6.59 4.77 -15.63
N GLY B 369 6.54 4.45 -14.34
CA GLY B 369 7.67 4.52 -13.45
C GLY B 369 8.24 3.15 -13.24
N ILE B 370 9.38 2.89 -13.88
CA ILE B 370 10.34 1.89 -13.46
C ILE B 370 11.11 2.42 -12.23
N SER B 371 11.67 1.50 -11.45
CA SER B 371 12.43 1.82 -10.23
C SER B 371 13.73 2.62 -10.47
N ASP B 379 15.58 5.40 -13.71
CA ASP B 379 14.20 5.01 -13.49
C ASP B 379 13.25 5.19 -14.70
N TYR B 380 13.71 5.77 -15.84
CA TYR B 380 12.84 6.17 -16.98
C TYR B 380 12.60 5.15 -18.12
N ILE B 381 11.36 5.08 -18.60
CA ILE B 381 10.99 4.32 -19.80
C ILE B 381 9.90 5.07 -20.57
N ASN B 382 9.97 5.04 -21.91
CA ASN B 382 8.91 5.60 -22.76
C ASN B 382 7.67 4.67 -22.70
N ALA B 383 6.71 5.02 -21.83
CA ALA B 383 5.50 4.22 -21.60
C ALA B 383 4.49 5.00 -20.76
N SER B 384 3.22 4.94 -21.17
CA SER B 384 2.13 5.65 -20.49
C SER B 384 1.13 4.64 -19.96
N TYR B 385 0.55 4.91 -18.78
CA TYR B 385 -0.54 4.10 -18.27
C TYR B 385 -1.76 4.42 -19.08
N ILE B 386 -2.51 3.41 -19.47
CA ILE B 386 -3.78 3.59 -20.18
C ILE B 386 -4.86 2.81 -19.44
N MET B 387 -6.05 3.39 -19.40
CA MET B 387 -7.13 2.93 -18.55
C MET B 387 -8.07 2.14 -19.38
N GLY B 388 -8.78 1.25 -18.71
CA GLY B 388 -9.71 0.34 -19.38
C GLY B 388 -10.97 0.28 -18.57
N TYR B 389 -11.79 -0.72 -18.84
CA TYR B 389 -13.07 -0.86 -18.19
C TYR B 389 -12.97 -1.12 -16.69
N TYR B 390 -12.04 -1.98 -16.31
CA TYR B 390 -11.99 -2.55 -14.94
C TYR B 390 -10.98 -1.89 -14.02
N GLN B 391 -9.96 -1.24 -14.58
CA GLN B 391 -8.88 -0.62 -13.78
C GLN B 391 -8.25 0.53 -14.49
N SER B 392 -8.31 1.72 -13.91
CA SER B 392 -7.34 2.76 -14.31
C SER B 392 -6.00 2.08 -14.13
N ASN B 393 -5.15 2.17 -15.14
CA ASN B 393 -3.92 1.36 -15.23
C ASN B 393 -4.26 -0.12 -15.60
N GLU B 394 -5.17 -0.28 -16.56
CA GLU B 394 -5.45 -1.57 -17.18
C GLU B 394 -4.30 -1.91 -18.10
N PHE B 395 -3.95 -0.99 -18.99
CA PHE B 395 -2.89 -1.23 -19.97
C PHE B 395 -1.71 -0.31 -19.75
N ILE B 396 -0.62 -0.66 -20.42
CA ILE B 396 0.47 0.26 -20.64
C ILE B 396 0.76 0.21 -22.10
N ILE B 397 0.72 1.37 -22.74
CA ILE B 397 1.19 1.53 -24.09
C ILE B 397 2.60 2.05 -23.96
N THR B 398 3.42 1.64 -24.92
CA THR B 398 4.84 1.90 -24.90
C THR B 398 5.43 1.55 -26.27
N GLN B 399 6.70 1.90 -26.43
CA GLN B 399 7.47 1.63 -27.65
C GLN B 399 7.98 0.19 -27.70
N HIS B 400 8.50 -0.18 -28.86
CA HIS B 400 9.25 -1.42 -29.07
C HIS B 400 10.67 -1.19 -28.51
N PRO B 401 11.22 -2.12 -27.70
CA PRO B 401 12.50 -1.83 -27.06
C PRO B 401 13.63 -1.53 -28.02
N LEU B 402 14.36 -0.46 -27.75
CA LEU B 402 15.72 -0.26 -28.29
C LEU B 402 16.65 -1.15 -27.46
N LEU B 403 17.77 -1.57 -28.05
CA LEU B 403 18.66 -2.56 -27.42
C LEU B 403 18.99 -2.28 -25.95
N HIS B 404 19.30 -1.02 -25.64
CA HIS B 404 19.56 -0.55 -24.25
C HIS B 404 18.33 -0.58 -23.31
N THR B 405 17.18 -0.18 -23.87
CA THR B 405 15.89 -0.22 -23.20
C THR B 405 15.34 -1.65 -22.92
N ILE B 406 15.82 -2.66 -23.65
CA ILE B 406 15.36 -4.06 -23.48
C ILE B 406 15.35 -4.40 -22.03
N LYS B 407 16.43 -4.08 -21.33
CA LYS B 407 16.56 -4.40 -19.90
C LYS B 407 15.50 -3.68 -19.06
N ASP B 408 15.23 -2.42 -19.40
CA ASP B 408 14.16 -1.63 -18.76
C ASP B 408 12.78 -2.20 -19.00
N PHE B 409 12.46 -2.45 -20.27
CA PHE B 409 11.19 -3.10 -20.67
C PHE B 409 10.82 -4.26 -19.76
N TRP B 410 11.75 -5.20 -19.60
CA TRP B 410 11.52 -6.36 -18.74
C TRP B 410 11.34 -5.99 -17.26
N ARG B 411 12.14 -5.05 -16.77
CA ARG B 411 11.94 -4.47 -15.42
C ARG B 411 10.56 -3.84 -15.24
N MET B 412 10.05 -3.21 -16.30
CA MET B 412 8.72 -2.66 -16.26
C MET B 412 7.74 -3.75 -15.92
N ILE B 413 7.85 -4.87 -16.64
CA ILE B 413 6.94 -6.01 -16.48
C ILE B 413 7.03 -6.51 -15.04
N TRP B 414 8.27 -6.62 -14.57
CA TRP B 414 8.62 -7.11 -13.26
C TRP B 414 8.05 -6.23 -12.15
N ASP B 415 8.16 -4.91 -12.28
CA ASP B 415 7.61 -3.99 -11.26
C ASP B 415 6.11 -3.99 -11.20
N HIS B 416 5.48 -3.98 -12.37
CA HIS B 416 4.04 -3.85 -12.43
C HIS B 416 3.34 -5.19 -12.45
N ASN B 417 4.12 -6.27 -12.37
CA ASN B 417 3.59 -7.62 -12.20
C ASN B 417 2.60 -8.01 -13.32
N ALA B 418 2.90 -7.53 -14.52
CA ALA B 418 2.09 -7.80 -15.70
C ALA B 418 2.33 -9.23 -16.20
N GLN B 419 1.28 -9.93 -16.59
CA GLN B 419 1.41 -11.25 -17.19
C GLN B 419 1.04 -11.34 -18.70
N LEU B 420 0.56 -10.25 -19.31
CA LEU B 420 0.32 -10.21 -20.76
C LEU B 420 1.18 -9.18 -21.42
N VAL B 421 1.76 -9.56 -22.56
CA VAL B 421 2.35 -8.61 -23.48
C VAL B 421 1.79 -8.91 -24.85
N VAL B 422 1.17 -7.88 -25.47
CA VAL B 422 0.73 -7.95 -26.86
C VAL B 422 1.63 -7.09 -27.74
N MET B 423 2.21 -7.74 -28.77
CA MET B 423 3.09 -7.08 -29.75
C MET B 423 2.36 -7.05 -31.08
N ILE B 424 2.53 -5.95 -31.80
CA ILE B 424 1.78 -5.67 -33.02
C ILE B 424 2.69 -4.95 -34.03
N PRO B 425 3.26 -5.69 -35.00
CA PRO B 425 3.96 -5.04 -36.11
C PRO B 425 3.05 -4.76 -37.30
N PHE B 435 12.42 -6.95 -34.51
CA PHE B 435 13.61 -7.12 -33.70
C PHE B 435 13.31 -7.91 -32.43
N VAL B 436 14.07 -8.97 -32.17
CA VAL B 436 13.86 -9.78 -30.96
C VAL B 436 14.49 -9.12 -29.75
N TYR B 437 13.69 -8.95 -28.70
CA TYR B 437 14.14 -8.40 -27.41
C TYR B 437 13.94 -9.42 -26.30
N TRP B 438 13.81 -10.70 -26.66
CA TRP B 438 13.44 -11.76 -25.72
C TRP B 438 14.33 -13.01 -25.80
N PRO B 439 14.54 -13.69 -24.65
CA PRO B 439 15.52 -14.76 -24.57
C PRO B 439 15.10 -16.06 -25.24
N ASN B 440 16.11 -16.81 -25.66
CA ASN B 440 15.96 -18.18 -26.13
C ASN B 440 16.37 -19.14 -25.00
N LYS B 441 16.10 -20.42 -25.23
CA LYS B 441 16.66 -21.48 -24.38
C LYS B 441 18.20 -21.48 -24.44
N ASP B 442 18.75 -20.94 -25.53
CA ASP B 442 20.19 -20.67 -25.67
C ASP B 442 20.74 -19.85 -24.51
N GLU B 443 20.07 -18.74 -24.20
CA GLU B 443 20.62 -17.72 -23.32
C GLU B 443 19.52 -16.82 -22.72
N PRO B 444 18.98 -17.22 -21.56
CA PRO B 444 18.17 -16.35 -20.72
C PRO B 444 18.72 -14.92 -20.57
N ILE B 445 17.82 -13.94 -20.42
CA ILE B 445 18.21 -12.55 -20.16
C ILE B 445 18.49 -12.37 -18.67
N ASN B 446 19.57 -11.64 -18.36
CA ASN B 446 20.03 -11.47 -16.98
C ASN B 446 19.88 -10.03 -16.51
N CYS B 447 18.75 -9.73 -15.91
CA CYS B 447 18.55 -8.47 -15.16
C CYS B 447 19.02 -8.71 -13.72
N GLU B 448 19.36 -7.63 -13.01
CA GLU B 448 19.92 -7.79 -11.66
C GLU B 448 19.00 -8.56 -10.72
N SER B 449 17.87 -7.96 -10.35
CA SER B 449 16.94 -8.60 -9.39
C SER B 449 16.01 -9.69 -9.99
N PHE B 450 16.23 -10.09 -11.26
CA PHE B 450 15.55 -11.28 -11.86
C PHE B 450 16.16 -11.87 -13.17
N LYS B 451 15.80 -13.11 -13.49
CA LYS B 451 16.20 -13.79 -14.75
C LYS B 451 15.00 -14.11 -15.65
N VAL B 452 15.06 -13.66 -16.90
CA VAL B 452 14.00 -13.86 -17.88
C VAL B 452 14.32 -15.09 -18.74
N THR B 453 13.38 -16.03 -18.83
CA THR B 453 13.66 -17.33 -19.47
C THR B 453 12.45 -17.84 -20.26
N LEU B 454 12.73 -18.49 -21.38
CA LEU B 454 11.69 -18.91 -22.32
C LEU B 454 11.19 -20.35 -22.04
N MET B 455 9.89 -20.50 -21.80
CA MET B 455 9.28 -21.80 -21.39
C MET B 455 8.58 -22.52 -22.54
N SER B 456 7.74 -21.79 -23.28
CA SER B 456 6.95 -22.34 -24.38
C SER B 456 7.08 -21.49 -25.64
N GLU B 457 6.48 -21.96 -26.72
CA GLU B 457 6.29 -21.18 -27.94
C GLU B 457 5.32 -21.97 -28.82
N GLU B 458 4.09 -21.47 -28.93
CA GLU B 458 3.08 -22.05 -29.82
C GLU B 458 2.86 -21.11 -30.99
N HIS B 459 2.17 -21.63 -31.99
CA HIS B 459 1.87 -20.89 -33.21
C HIS B 459 0.42 -21.22 -33.52
N LYS B 460 -0.46 -20.21 -33.43
CA LYS B 460 -1.90 -20.40 -33.64
C LYS B 460 -2.26 -19.86 -35.02
N CYS B 461 -3.02 -20.65 -35.78
CA CYS B 461 -3.44 -20.25 -37.11
C CYS B 461 -4.86 -19.67 -37.04
N LEU B 462 -4.99 -18.37 -37.32
CA LEU B 462 -6.27 -17.66 -37.26
C LEU B 462 -7.05 -17.88 -38.55
N SER B 463 -8.32 -17.49 -38.57
CA SER B 463 -9.29 -17.88 -39.62
C SER B 463 -8.98 -17.46 -41.06
N ASN B 464 -8.02 -16.56 -41.25
CA ASN B 464 -7.41 -16.29 -42.58
C ASN B 464 -5.95 -16.78 -42.65
N GLU B 465 -5.63 -17.81 -41.85
CA GLU B 465 -4.31 -18.45 -41.81
C GLU B 465 -3.11 -17.53 -41.53
N GLU B 466 -3.28 -16.53 -40.66
CA GLU B 466 -2.12 -15.78 -40.12
C GLU B 466 -1.74 -16.41 -38.80
N LYS B 467 -0.56 -16.04 -38.30
CA LYS B 467 -0.02 -16.64 -37.10
C LYS B 467 -0.09 -15.72 -35.88
N LEU B 468 -0.30 -16.33 -34.73
CA LEU B 468 -0.16 -15.66 -33.43
C LEU B 468 0.94 -16.38 -32.64
N ILE B 469 2.07 -15.71 -32.48
CA ILE B 469 3.23 -16.32 -31.83
C ILE B 469 3.03 -16.18 -30.33
N VAL B 470 2.42 -17.20 -29.72
CA VAL B 470 2.27 -17.26 -28.26
C VAL B 470 3.53 -17.87 -27.64
N GLN B 471 4.27 -17.08 -26.87
CA GLN B 471 5.40 -17.59 -26.09
C GLN B 471 5.16 -17.31 -24.61
N ASP B 472 5.43 -18.29 -23.76
CA ASP B 472 5.40 -18.09 -22.33
C ASP B 472 6.82 -17.86 -21.79
N PHE B 473 6.87 -17.12 -20.67
CA PHE B 473 8.10 -16.78 -19.99
C PHE B 473 7.94 -16.91 -18.49
N ILE B 474 9.09 -16.96 -17.83
CA ILE B 474 9.19 -16.80 -16.39
C ILE B 474 10.28 -15.79 -16.03
N LEU B 475 9.96 -14.91 -15.08
CA LEU B 475 10.97 -14.09 -14.45
C LEU B 475 11.13 -14.61 -13.02
N GLU B 476 12.32 -15.06 -12.70
CA GLU B 476 12.63 -15.58 -11.36
C GLU B 476 13.53 -14.60 -10.65
N ALA B 477 13.19 -14.29 -9.40
CA ALA B 477 14.01 -13.36 -8.61
C ALA B 477 15.39 -13.97 -8.35
N THR B 478 16.41 -13.14 -8.52
CA THR B 478 17.77 -13.51 -8.19
C THR B 478 18.00 -13.36 -6.69
N GLN B 479 17.26 -12.42 -6.08
CA GLN B 479 17.42 -12.12 -4.64
C GLN B 479 16.19 -12.51 -3.76
N ASP B 480 15.29 -13.34 -4.30
CA ASP B 480 14.09 -13.80 -3.59
C ASP B 480 13.56 -15.06 -4.29
N ASP B 481 12.42 -15.57 -3.82
CA ASP B 481 11.78 -16.76 -4.37
C ASP B 481 10.78 -16.53 -5.47
N TYR B 482 10.36 -15.29 -5.71
CA TYR B 482 9.20 -15.01 -6.57
C TYR B 482 9.40 -15.40 -8.05
N VAL B 483 8.36 -15.97 -8.66
CA VAL B 483 8.33 -16.31 -10.09
C VAL B 483 7.14 -15.62 -10.79
N LEU B 484 7.41 -14.80 -11.81
CA LEU B 484 6.37 -14.12 -12.60
C LEU B 484 6.20 -14.78 -13.97
N GLU B 485 4.98 -15.26 -14.27
CA GLU B 485 4.66 -16.01 -15.50
C GLU B 485 3.99 -15.15 -16.58
N VAL B 486 4.79 -14.73 -17.56
CA VAL B 486 4.33 -13.83 -18.61
C VAL B 486 3.97 -14.65 -19.85
N ARG B 487 2.96 -14.19 -20.56
CA ARG B 487 2.59 -14.71 -21.87
C ARG B 487 2.72 -13.58 -22.90
N HIS B 488 3.25 -13.92 -24.08
CA HIS B 488 3.67 -12.94 -25.08
C HIS B 488 3.05 -13.25 -26.42
N PHE B 489 2.29 -12.31 -26.96
CA PHE B 489 1.66 -12.45 -28.27
C PHE B 489 2.41 -11.58 -29.26
N GLN B 490 2.82 -12.17 -30.39
CA GLN B 490 3.24 -11.41 -31.55
C GLN B 490 2.05 -11.53 -32.50
N CYS B 491 1.53 -10.38 -32.92
CA CYS B 491 0.40 -10.32 -33.83
C CYS B 491 0.86 -10.22 -35.29
N PRO B 492 -0.04 -10.49 -36.24
CA PRO B 492 0.31 -10.28 -37.65
C PRO B 492 0.32 -8.80 -38.01
N LYS B 493 0.14 -8.48 -39.29
CA LYS B 493 -0.35 -7.16 -39.65
C LYS B 493 -1.66 -7.04 -38.89
N TRP B 494 -1.83 -5.94 -38.16
CA TRP B 494 -3.11 -5.68 -37.50
C TRP B 494 -3.47 -4.20 -37.43
N PRO B 495 -4.74 -3.86 -37.73
CA PRO B 495 -5.75 -4.69 -38.38
C PRO B 495 -5.34 -4.96 -39.84
N ASN B 496 -5.44 -6.23 -40.25
CA ASN B 496 -5.19 -6.61 -41.63
C ASN B 496 -6.35 -6.04 -42.46
N PRO B 497 -6.10 -4.96 -43.25
CA PRO B 497 -7.21 -4.32 -43.96
C PRO B 497 -7.67 -5.04 -45.22
N ASP B 498 -6.91 -6.05 -45.69
CA ASP B 498 -7.36 -6.90 -46.81
C ASP B 498 -8.32 -8.01 -46.35
N SER B 499 -8.11 -8.56 -45.14
CA SER B 499 -9.13 -9.40 -44.49
C SER B 499 -10.23 -8.44 -44.05
N PRO B 500 -11.50 -8.90 -43.99
CA PRO B 500 -12.58 -7.96 -43.63
C PRO B 500 -12.49 -7.43 -42.19
N ILE B 501 -13.35 -6.48 -41.86
CA ILE B 501 -13.43 -5.94 -40.51
C ILE B 501 -13.96 -6.94 -39.46
N SER B 502 -14.69 -7.94 -39.96
CA SER B 502 -15.17 -9.06 -39.14
C SER B 502 -14.08 -9.93 -38.51
N LYS B 503 -12.84 -9.87 -39.02
CA LYS B 503 -11.73 -10.65 -38.46
C LYS B 503 -10.77 -9.84 -37.59
N THR B 504 -11.03 -8.53 -37.49
CA THR B 504 -10.28 -7.66 -36.58
C THR B 504 -10.54 -8.07 -35.14
N PHE B 505 -11.82 -8.14 -34.78
CA PHE B 505 -12.22 -8.51 -33.42
C PHE B 505 -11.76 -9.87 -32.90
N GLU B 506 -11.57 -10.84 -33.82
CA GLU B 506 -11.20 -12.19 -33.40
C GLU B 506 -9.90 -12.18 -32.58
N LEU B 507 -8.92 -11.38 -33.00
CA LEU B 507 -7.69 -11.20 -32.22
C LEU B 507 -8.03 -10.79 -30.79
N ILE B 508 -8.77 -9.69 -30.68
CA ILE B 508 -9.10 -9.09 -29.39
C ILE B 508 -9.89 -10.03 -28.46
N SER B 509 -10.80 -10.81 -29.02
CA SER B 509 -11.54 -11.81 -28.24
C SER B 509 -10.59 -12.83 -27.66
N ILE B 510 -9.62 -13.27 -28.45
CA ILE B 510 -8.62 -14.25 -27.95
C ILE B 510 -7.84 -13.68 -26.76
N ILE B 511 -7.26 -12.50 -26.94
CA ILE B 511 -6.45 -11.86 -25.88
C ILE B 511 -7.32 -11.42 -24.68
N LYS B 512 -8.60 -11.11 -24.93
CA LYS B 512 -9.56 -10.84 -23.85
C LYS B 512 -9.60 -11.99 -22.86
N GLU B 513 -9.95 -13.20 -23.33
CA GLU B 513 -10.07 -14.34 -22.39
C GLU B 513 -8.77 -14.68 -21.68
N GLU B 514 -7.64 -14.53 -22.37
CA GLU B 514 -6.35 -14.75 -21.71
C GLU B 514 -6.18 -13.77 -20.57
N ALA B 515 -6.44 -12.48 -20.81
CA ALA B 515 -6.25 -11.44 -19.77
C ALA B 515 -7.24 -11.48 -18.59
N ALA B 516 -8.29 -12.29 -18.69
CA ALA B 516 -9.22 -12.51 -17.59
C ALA B 516 -8.56 -13.23 -16.42
N ASN B 517 -8.00 -14.42 -16.71
CA ASN B 517 -7.31 -15.26 -15.70
C ASN B 517 -5.94 -14.70 -15.25
N ARG B 518 -5.37 -13.76 -16.01
CA ARG B 518 -4.09 -13.12 -15.69
C ARG B 518 -4.31 -11.86 -14.85
N ASP B 519 -3.32 -11.57 -14.01
CA ASP B 519 -3.33 -10.40 -13.13
C ASP B 519 -2.36 -9.39 -13.73
N GLY B 520 -2.19 -8.24 -13.06
CA GLY B 520 -1.36 -7.14 -13.54
C GLY B 520 -1.85 -6.51 -14.84
N PRO B 521 -1.23 -5.40 -15.27
CA PRO B 521 -1.63 -4.72 -16.48
C PRO B 521 -1.20 -5.44 -17.77
N MET B 522 -1.77 -5.02 -18.89
CA MET B 522 -1.40 -5.51 -20.22
C MET B 522 -0.41 -4.55 -20.82
N ILE B 523 0.77 -5.06 -21.19
CA ILE B 523 1.75 -4.24 -21.91
C ILE B 523 1.41 -4.42 -23.38
N VAL B 524 1.20 -3.31 -24.09
CA VAL B 524 0.85 -3.36 -25.53
C VAL B 524 1.80 -2.41 -26.26
N HIS B 525 2.57 -2.93 -27.20
CA HIS B 525 3.47 -2.08 -27.95
C HIS B 525 3.28 -2.34 -29.42
N ASP B 526 3.33 -1.25 -30.19
CA ASP B 526 3.55 -1.29 -31.63
C ASP B 526 4.96 -0.72 -31.74
N GLU B 527 5.34 -0.12 -32.87
CA GLU B 527 6.69 0.42 -32.99
C GLU B 527 6.90 1.56 -31.97
N HIS B 528 5.97 2.52 -31.96
CA HIS B 528 6.13 3.81 -31.24
C HIS B 528 5.14 4.09 -30.10
N GLY B 529 4.30 3.11 -29.77
CA GLY B 529 3.26 3.31 -28.76
C GLY B 529 2.15 4.23 -29.24
N GLY B 530 1.84 4.13 -30.53
CA GLY B 530 0.90 5.03 -31.19
C GLY B 530 -0.40 4.33 -31.53
N VAL B 531 -1.05 4.81 -32.59
CA VAL B 531 -2.39 4.36 -33.02
C VAL B 531 -2.74 2.86 -32.90
N THR B 532 -1.86 1.97 -33.39
CA THR B 532 -2.15 0.55 -33.48
C THR B 532 -2.29 -0.09 -32.09
N ALA B 533 -1.39 0.30 -31.18
CA ALA B 533 -1.55 -0.09 -29.78
C ALA B 533 -2.80 0.57 -29.16
N GLY B 534 -3.04 1.84 -29.45
CA GLY B 534 -4.19 2.59 -28.92
C GLY B 534 -5.55 2.03 -29.31
N THR B 535 -5.68 1.64 -30.57
CA THR B 535 -6.88 0.93 -31.06
C THR B 535 -7.12 -0.42 -30.37
N PHE B 536 -6.04 -1.11 -30.02
CA PHE B 536 -6.11 -2.36 -29.28
C PHE B 536 -6.76 -2.15 -27.90
N CYS B 537 -6.20 -1.25 -27.13
CA CYS B 537 -6.73 -0.92 -25.81
C CYS B 537 -8.15 -0.37 -25.94
N ALA B 538 -8.40 0.42 -26.98
CA ALA B 538 -9.73 0.90 -27.19
C ALA B 538 -10.68 -0.29 -27.35
N LEU B 539 -10.43 -1.12 -28.35
CA LEU B 539 -11.40 -2.13 -28.76
C LEU B 539 -11.57 -3.26 -27.73
N THR B 540 -10.50 -3.60 -27.02
CA THR B 540 -10.60 -4.49 -25.88
C THR B 540 -11.57 -3.86 -24.89
N THR B 541 -11.27 -2.62 -24.49
CA THR B 541 -12.10 -1.88 -23.52
C THR B 541 -13.55 -1.77 -23.97
N LEU B 542 -13.76 -1.56 -25.26
CA LEU B 542 -15.12 -1.49 -25.80
C LEU B 542 -15.81 -2.85 -25.82
N MET B 543 -15.05 -3.92 -26.13
CA MET B 543 -15.57 -5.28 -26.06
C MET B 543 -16.09 -5.62 -24.67
N HIS B 544 -15.29 -5.33 -23.65
CA HIS B 544 -15.69 -5.56 -22.27
C HIS B 544 -16.95 -4.80 -21.98
N GLN B 545 -16.89 -3.50 -22.26
CA GLN B 545 -17.96 -2.56 -21.97
C GLN B 545 -19.29 -2.94 -22.62
N LEU B 546 -19.23 -3.49 -23.84
CA LEU B 546 -20.39 -4.03 -24.51
C LEU B 546 -20.86 -5.30 -23.80
N GLU B 547 -19.94 -6.24 -23.61
CA GLU B 547 -20.27 -7.52 -23.00
C GLU B 547 -21.04 -7.31 -21.70
N LYS B 548 -20.51 -6.50 -20.81
CA LYS B 548 -21.00 -6.40 -19.44
C LYS B 548 -22.17 -5.42 -19.23
N GLU B 549 -22.11 -4.25 -19.85
CA GLU B 549 -23.14 -3.21 -19.66
C GLU B 549 -24.08 -3.08 -20.86
N ASN B 550 -23.79 -3.80 -21.94
CA ASN B 550 -24.56 -3.72 -23.19
C ASN B 550 -24.46 -2.33 -23.84
N SER B 551 -23.42 -1.56 -23.48
CA SER B 551 -23.22 -0.19 -23.98
C SER B 551 -21.82 0.02 -24.52
N MET B 552 -21.69 1.07 -25.33
CA MET B 552 -20.42 1.45 -25.99
C MET B 552 -20.30 2.98 -25.90
N ASP B 553 -19.20 3.48 -25.37
CA ASP B 553 -18.94 4.92 -25.40
C ASP B 553 -17.59 5.13 -26.03
N VAL B 554 -17.58 5.05 -27.36
CA VAL B 554 -16.36 5.12 -28.17
C VAL B 554 -15.67 6.47 -27.98
N TYR B 555 -16.47 7.54 -27.98
CA TYR B 555 -15.96 8.89 -27.81
C TYR B 555 -15.09 8.99 -26.57
N GLN B 556 -15.57 8.41 -25.48
CA GLN B 556 -14.86 8.47 -24.22
C GLN B 556 -13.58 7.66 -24.25
N VAL B 557 -13.71 6.43 -24.77
CA VAL B 557 -12.61 5.48 -24.85
C VAL B 557 -11.44 6.03 -25.64
N ALA B 558 -11.71 6.74 -26.74
CA ALA B 558 -10.62 7.37 -27.51
C ALA B 558 -10.02 8.56 -26.77
N LYS B 559 -10.87 9.43 -26.24
CA LYS B 559 -10.40 10.66 -25.61
C LYS B 559 -9.51 10.37 -24.42
N MET B 560 -10.00 9.55 -23.50
CA MET B 560 -9.21 9.15 -22.32
C MET B 560 -7.86 8.61 -22.77
N ILE B 561 -7.86 7.68 -23.73
CA ILE B 561 -6.63 7.19 -24.36
C ILE B 561 -5.73 8.35 -24.83
N ASN B 562 -6.32 9.24 -25.61
CA ASN B 562 -5.58 10.34 -26.24
C ASN B 562 -5.11 11.40 -25.21
N LEU B 563 -5.91 11.57 -24.17
CA LEU B 563 -5.52 12.41 -23.05
C LEU B 563 -4.33 11.80 -22.34
N MET B 564 -4.38 10.48 -22.14
CA MET B 564 -3.34 9.80 -21.39
C MET B 564 -2.06 9.55 -22.18
N ARG B 565 -2.13 9.46 -23.51
CA ARG B 565 -0.91 9.41 -24.34
C ARG B 565 -1.07 10.20 -25.63
N PRO B 566 -0.94 11.53 -25.55
CA PRO B 566 -1.22 12.37 -26.72
C PRO B 566 -0.45 12.00 -27.99
N GLY B 567 -1.17 11.93 -29.11
CA GLY B 567 -0.60 11.55 -30.41
C GLY B 567 -0.95 10.13 -30.87
N VAL B 568 -1.76 9.42 -30.08
CA VAL B 568 -2.22 8.08 -30.46
C VAL B 568 -3.25 8.17 -31.58
N PHE B 569 -4.23 9.06 -31.39
CA PHE B 569 -5.22 9.38 -32.42
C PHE B 569 -5.03 10.84 -32.91
N THR B 570 -4.46 10.96 -34.11
CA THR B 570 -4.19 12.25 -34.74
C THR B 570 -4.97 12.44 -36.03
N ASP B 571 -5.68 11.40 -36.48
CA ASP B 571 -6.35 11.35 -37.79
C ASP B 571 -7.73 10.72 -37.64
N ILE B 572 -8.72 11.26 -38.35
CA ILE B 572 -10.12 10.87 -38.15
C ILE B 572 -10.45 9.46 -38.65
N GLU B 573 -9.71 8.99 -39.66
CA GLU B 573 -10.02 7.70 -40.27
C GLU B 573 -9.87 6.56 -39.27
N GLN B 574 -8.96 6.73 -38.32
CA GLN B 574 -8.79 5.74 -37.27
C GLN B 574 -9.77 5.94 -36.13
N TYR B 575 -10.19 7.17 -35.85
CA TYR B 575 -11.28 7.41 -34.88
C TYR B 575 -12.56 6.80 -35.42
N GLN B 576 -12.87 7.06 -36.69
CA GLN B 576 -14.05 6.47 -37.33
C GLN B 576 -13.99 4.96 -37.28
N PHE B 577 -12.90 4.42 -37.81
CA PHE B 577 -12.59 3.01 -37.75
C PHE B 577 -13.12 2.35 -36.50
N LEU B 578 -12.86 2.95 -35.34
CA LEU B 578 -13.36 2.39 -34.10
C LEU B 578 -14.86 2.18 -34.19
N TYR B 579 -15.60 3.20 -34.59
CA TYR B 579 -17.04 3.05 -34.77
C TYR B 579 -17.36 1.89 -35.72
N LYS B 580 -16.78 1.95 -36.92
CA LYS B 580 -16.81 0.88 -37.93
C LYS B 580 -16.67 -0.52 -37.34
N VAL B 581 -15.58 -0.78 -36.62
CA VAL B 581 -15.27 -2.11 -36.11
C VAL B 581 -16.39 -2.55 -35.17
N VAL B 582 -16.63 -1.73 -34.14
CA VAL B 582 -17.73 -1.87 -33.17
C VAL B 582 -19.10 -2.24 -33.78
N LEU B 583 -19.42 -1.68 -34.95
CA LEU B 583 -20.72 -1.93 -35.57
C LEU B 583 -20.85 -3.35 -36.07
N SER B 584 -19.77 -3.88 -36.65
CA SER B 584 -19.77 -5.27 -37.19
C SER B 584 -19.97 -6.29 -36.08
N LEU B 585 -19.57 -5.91 -34.87
CA LEU B 585 -19.76 -6.73 -33.68
C LEU B 585 -21.25 -6.96 -33.31
N VAL B 586 -22.14 -6.01 -33.58
CA VAL B 586 -23.55 -6.13 -33.14
C VAL B 586 -24.44 -6.93 -34.16
N SER B 587 -23.88 -7.94 -34.81
CA SER B 587 -24.64 -8.96 -35.55
C SER B 587 -25.45 -9.95 -34.65
N THR B 588 -26.53 -10.47 -35.20
CA THR B 588 -27.35 -11.49 -34.54
C THR B 588 -27.91 -12.43 -35.63
#